data_9CY4
#
_entry.id   9CY4
#
_cell.length_a   1.00
_cell.length_b   1.00
_cell.length_c   1.00
_cell.angle_alpha   90.00
_cell.angle_beta   90.00
_cell.angle_gamma   90.00
#
_symmetry.space_group_name_H-M   'P 1'
#
loop_
_entity.id
_entity.type
_entity.pdbx_description
1 polymer 'Solute carrier organic anion transporter family member 1B1'
2 polymer 'Sybody 5'
3 polymer 'Cyclosporin A'
#
loop_
_entity_poly.entity_id
_entity_poly.type
_entity_poly.pdbx_seq_one_letter_code
_entity_poly.pdbx_strand_id
1 'polypeptide(L)'
;MHHHHHHHHHHDYKDDDDKENLYFQGMDQNQHLNKTAEAQPSENKKTRYCNGLKMFLAALSLSFIAKTLGAIIMKSSIIH
IERRFEISSSLVGFIDGSFEIGNLLVIVFVSYFGSKLHRPKLIGIGCFIMGIGGVLTALPHFFMGYYRYSKETNINSSEN
STSTLSTCLINQILSLNRASPEIVGKGCLKESGSYMWIYVFMGNMLRGIGETPIVPLGLSYIDDFAKEGHSSLYLGILNA
IAMIGPIIGFTLGSLFSKMYVDIGYVDLSTIRITPTDSRWVGAWWLNFLVSGLFSIISSIPFFFLPQTPNKPQKERKASL
SLHVLETNDEKDQTANLTNQGKNITKNVTGFFQSFKSILTNPLYVMFVLLTLLQVSSYIGAFTYVFKYVEQQYGQPSSKA
NILLGVITIPIFASGMFLGGYIIKKFKLNTVGIAKFSCFTAVMSLSFYLLYFFILCENKSVAGLTMTYDGNNPVTSHRDV
PLSYCNSDCNCDESQWEPVCGNNGITYISPCLAGCKSSSGNKKPIVFYNCSCLEVTGLQNRNYSAHLGECPRDDACTRKF
YFFVAIQVLNLFFSALGGTSHVMLIVKIVQPELKSLALGFHSMVIRALGGILAPIYFGALIDTTCIKWSTNNCGTRGSCR
TYNSTSFSRVYLGLSSMLRVSSLVLYIILIYAMKKKYQEKDINASENGSVMDEANLESLNKNKHFVPSAGADSETHC
;
A
2 'polypeptide(L)'
;GSSSQVQLVESGGGLVQAGGSLRLSCAASGFPVNLSYMHWYRQAPGKEREWVAAISSWGWHTEYADSVKGRFTISRDNAK
NTVYLQMNSLKPEDTAVYYCHVRVGRSYFGQGTQVSVSAGRAGEQKLISEEDLNSAVDHHHHHH
;
B
3 'polypeptide(L)' (DAL)(MLE)(MLE)(MVA)(BMT)(ABA)(SAR)(MLE)V(MLE)A L
#
# COMPACT_ATOMS: atom_id res chain seq x y z
N CYS A 50 -6.56 -15.95 -35.15
CA CYS A 50 -5.30 -15.37 -34.68
C CYS A 50 -4.20 -15.57 -35.71
N ASN A 51 -3.41 -14.52 -35.93
CA ASN A 51 -2.31 -14.54 -36.88
C ASN A 51 -0.96 -14.53 -36.18
N GLY A 52 -0.93 -14.92 -34.90
CA GLY A 52 0.31 -14.93 -34.15
C GLY A 52 0.57 -13.67 -33.36
N LEU A 53 0.30 -12.50 -33.97
CA LEU A 53 0.51 -11.23 -33.29
C LEU A 53 -0.59 -10.98 -32.26
N LYS A 54 -1.79 -11.51 -32.50
CA LYS A 54 -2.87 -11.46 -31.51
C LYS A 54 -2.56 -12.34 -30.30
N MET A 55 -1.75 -13.40 -30.49
CA MET A 55 -1.25 -14.17 -29.36
C MET A 55 -0.29 -13.34 -28.50
N PHE A 56 0.48 -12.45 -29.14
CA PHE A 56 1.32 -11.53 -28.37
C PHE A 56 0.48 -10.52 -27.61
N LEU A 57 -0.64 -10.06 -28.20
CA LEU A 57 -1.54 -9.18 -27.45
C LEU A 57 -2.23 -9.90 -26.29
N ALA A 58 -2.54 -11.19 -26.46
CA ALA A 58 -3.09 -11.98 -25.37
C ALA A 58 -2.08 -12.17 -24.24
N ALA A 59 -0.82 -12.44 -24.59
CA ALA A 59 0.23 -12.60 -23.59
C ALA A 59 0.58 -11.28 -22.91
N LEU A 60 0.50 -10.16 -23.65
CA LEU A 60 0.78 -8.87 -23.04
C LEU A 60 -0.37 -8.41 -22.15
N SER A 61 -1.61 -8.79 -22.48
CA SER A 61 -2.74 -8.55 -21.60
C SER A 61 -2.62 -9.36 -20.31
N LEU A 62 -2.16 -10.61 -20.43
CA LEU A 62 -1.93 -11.45 -19.25
C LEU A 62 -0.81 -10.91 -18.38
N SER A 63 0.25 -10.37 -19.01
CA SER A 63 1.35 -9.80 -18.23
C SER A 63 0.96 -8.48 -17.57
N PHE A 64 0.11 -7.69 -18.23
CA PHE A 64 -0.42 -6.48 -17.60
C PHE A 64 -1.34 -6.80 -16.43
N ILE A 65 -2.13 -7.88 -16.55
CA ILE A 65 -2.96 -8.35 -15.43
C ILE A 65 -2.07 -8.80 -14.26
N ALA A 66 -0.94 -9.46 -14.59
CA ALA A 66 0.03 -9.89 -13.57
C ALA A 66 0.70 -8.72 -12.86
N LYS A 67 1.12 -7.68 -13.60
CA LYS A 67 1.79 -6.55 -12.95
C LYS A 67 0.83 -5.65 -12.17
N THR A 68 -0.42 -5.51 -12.64
CA THR A 68 -1.42 -4.77 -11.86
C THR A 68 -1.80 -5.52 -10.60
N LEU A 69 -1.89 -6.85 -10.71
CA LEU A 69 -2.13 -7.70 -9.55
C LEU A 69 -1.00 -7.60 -8.54
N GLY A 70 0.26 -7.57 -9.02
CA GLY A 70 1.40 -7.45 -8.13
C GLY A 70 1.45 -6.13 -7.39
N ALA A 71 1.05 -5.04 -8.05
CA ALA A 71 1.00 -3.74 -7.38
C ALA A 71 -0.13 -3.67 -6.34
N ILE A 72 -1.31 -4.25 -6.64
CA ILE A 72 -2.42 -4.22 -5.67
C ILE A 72 -2.13 -5.12 -4.46
N ILE A 73 -1.53 -6.29 -4.69
CA ILE A 73 -1.07 -7.15 -3.59
C ILE A 73 0.05 -6.51 -2.77
N MET A 74 0.91 -5.68 -3.39
CA MET A 74 1.88 -4.94 -2.59
C MET A 74 1.21 -3.85 -1.74
N LYS A 75 0.27 -3.11 -2.32
CA LYS A 75 -0.34 -2.01 -1.58
C LYS A 75 -1.40 -2.48 -0.59
N SER A 76 -1.84 -3.75 -0.69
CA SER A 76 -2.97 -4.20 0.12
C SER A 76 -2.54 -4.85 1.43
N SER A 77 -1.51 -5.70 1.39
CA SER A 77 -1.15 -6.56 2.52
C SER A 77 0.08 -6.04 3.26
N ILE A 78 0.18 -4.72 3.44
CA ILE A 78 1.38 -4.16 4.06
C ILE A 78 1.26 -4.17 5.59
N ILE A 79 0.03 -4.13 6.12
CA ILE A 79 -0.14 -4.05 7.57
C ILE A 79 0.02 -5.43 8.20
N HIS A 80 -0.23 -6.49 7.42
CA HIS A 80 0.00 -7.85 7.92
C HIS A 80 1.49 -8.16 8.00
N ILE A 81 2.26 -7.68 7.02
CA ILE A 81 3.72 -7.82 7.03
C ILE A 81 4.33 -7.00 8.17
N GLU A 82 3.80 -5.78 8.38
CA GLU A 82 4.28 -4.89 9.44
C GLU A 82 3.96 -5.44 10.83
N ARG A 83 2.80 -6.05 10.99
CA ARG A 83 2.46 -6.65 12.29
C ARG A 83 3.18 -7.97 12.51
N ARG A 84 3.38 -8.76 11.45
CA ARG A 84 3.97 -10.09 11.60
C ARG A 84 5.47 -10.02 11.86
N PHE A 85 6.18 -9.18 11.10
CA PHE A 85 7.64 -9.16 11.22
C PHE A 85 8.15 -8.27 12.35
N GLU A 86 7.23 -7.55 13.03
CA GLU A 86 7.50 -6.67 14.19
C GLU A 86 8.51 -5.57 13.86
N ILE A 87 8.39 -5.00 12.67
CA ILE A 87 9.32 -3.99 12.20
C ILE A 87 8.66 -2.62 12.32
N SER A 88 9.50 -1.58 12.27
CA SER A 88 9.03 -0.21 12.47
C SER A 88 8.47 0.37 11.17
N SER A 89 8.10 1.64 11.23
CA SER A 89 7.48 2.29 10.06
C SER A 89 8.51 2.64 9.00
N SER A 90 9.72 3.02 9.41
CA SER A 90 10.78 3.35 8.47
C SER A 90 11.29 2.11 7.75
N LEU A 91 11.37 0.98 8.47
CA LEU A 91 11.78 -0.29 7.87
C LEU A 91 10.75 -0.79 6.86
N VAL A 92 9.46 -0.68 7.17
CA VAL A 92 8.44 -1.18 6.25
C VAL A 92 8.26 -0.20 5.09
N GLY A 93 8.59 1.08 5.29
CA GLY A 93 8.67 2.01 4.18
C GLY A 93 9.86 1.73 3.27
N PHE A 94 10.95 1.22 3.86
CA PHE A 94 12.12 0.82 3.06
C PHE A 94 11.83 -0.44 2.25
N ILE A 95 11.05 -1.36 2.83
CA ILE A 95 10.50 -2.51 2.09
C ILE A 95 9.58 -2.06 0.95
N ASP A 96 8.73 -1.06 1.22
CA ASP A 96 7.80 -0.60 0.18
C ASP A 96 8.50 0.18 -0.92
N GLY A 97 9.59 0.89 -0.59
CA GLY A 97 10.38 1.61 -1.58
C GLY A 97 11.43 0.79 -2.29
N SER A 98 11.67 -0.45 -1.81
CA SER A 98 12.58 -1.40 -2.47
C SER A 98 12.16 -1.72 -3.90
N PHE A 99 10.84 -1.78 -4.15
CA PHE A 99 10.34 -2.07 -5.50
C PHE A 99 10.65 -0.92 -6.46
N GLU A 100 10.49 0.32 -5.99
CA GLU A 100 10.81 1.48 -6.84
C GLU A 100 12.31 1.61 -7.06
N ILE A 101 13.12 1.25 -6.05
CA ILE A 101 14.57 1.23 -6.19
C ILE A 101 15.00 0.19 -7.24
N GLY A 102 14.45 -1.02 -7.15
CA GLY A 102 14.82 -2.09 -8.07
C GLY A 102 14.32 -1.88 -9.49
N ASN A 103 13.17 -1.22 -9.64
CA ASN A 103 12.70 -0.87 -10.97
C ASN A 103 13.53 0.25 -11.58
N LEU A 104 13.78 1.31 -10.79
CA LEU A 104 14.39 2.53 -11.28
C LEU A 104 15.88 2.35 -11.55
N LEU A 105 16.49 1.33 -10.93
CA LEU A 105 17.92 1.12 -11.17
C LEU A 105 18.18 0.52 -12.55
N VAL A 106 17.29 -0.35 -13.04
CA VAL A 106 17.58 -1.13 -14.25
C VAL A 106 16.64 -0.82 -15.40
N ILE A 107 15.68 0.10 -15.24
CA ILE A 107 14.68 0.37 -16.29
C ILE A 107 15.30 0.93 -17.57
N VAL A 108 16.29 1.82 -17.46
CA VAL A 108 16.85 2.45 -18.65
C VAL A 108 17.80 1.51 -19.38
N PHE A 109 18.52 0.65 -18.62
CA PHE A 109 19.48 -0.26 -19.24
C PHE A 109 18.77 -1.43 -19.92
N VAL A 110 17.71 -1.95 -19.30
CA VAL A 110 16.94 -3.01 -19.93
C VAL A 110 16.13 -2.47 -21.12
N SER A 111 15.62 -1.23 -21.01
CA SER A 111 14.86 -0.66 -22.12
C SER A 111 15.76 -0.26 -23.29
N TYR A 112 17.05 -0.02 -23.05
CA TYR A 112 17.95 0.19 -24.18
C TYR A 112 18.43 -1.13 -24.77
N PHE A 113 19.00 -2.00 -23.94
CA PHE A 113 19.65 -3.21 -24.44
C PHE A 113 18.66 -4.31 -24.84
N GLY A 114 17.39 -4.21 -24.46
CA GLY A 114 16.46 -5.26 -24.76
C GLY A 114 15.80 -5.14 -26.13
N SER A 115 15.87 -3.95 -26.74
CA SER A 115 15.20 -3.75 -28.02
C SER A 115 15.93 -4.41 -29.18
N LYS A 116 17.26 -4.51 -29.09
CA LYS A 116 18.02 -5.18 -30.14
C LYS A 116 17.94 -6.70 -30.06
N LEU A 117 17.60 -7.24 -28.89
CA LEU A 117 17.58 -8.68 -28.67
C LEU A 117 16.17 -9.24 -28.93
N HIS A 118 15.98 -10.50 -28.55
CA HIS A 118 14.68 -11.16 -28.62
C HIS A 118 13.78 -10.58 -27.54
N ARG A 119 12.87 -9.68 -27.93
CA ARG A 119 12.03 -8.96 -26.98
C ARG A 119 11.03 -9.81 -26.17
N PRO A 120 10.19 -10.71 -26.77
CA PRO A 120 9.25 -11.44 -25.89
C PRO A 120 9.90 -12.49 -25.02
N LYS A 121 11.09 -12.96 -25.40
CA LYS A 121 11.87 -13.83 -24.52
C LYS A 121 12.34 -13.09 -23.28
N LEU A 122 12.75 -11.82 -23.41
CA LEU A 122 13.14 -11.04 -22.24
C LEU A 122 11.93 -10.61 -21.41
N ILE A 123 10.76 -10.43 -22.06
CA ILE A 123 9.54 -10.18 -21.29
C ILE A 123 9.13 -11.42 -20.49
N GLY A 124 9.28 -12.61 -21.08
CA GLY A 124 9.03 -13.83 -20.35
C GLY A 124 10.03 -14.10 -19.23
N ILE A 125 11.29 -13.72 -19.46
CA ILE A 125 12.32 -13.82 -18.43
C ILE A 125 12.02 -12.87 -17.26
N GLY A 126 11.58 -11.65 -17.59
CA GLY A 126 11.19 -10.70 -16.55
C GLY A 126 9.95 -11.10 -15.79
N CYS A 127 8.99 -11.72 -16.46
CA CYS A 127 7.80 -12.21 -15.78
C CYS A 127 8.10 -13.43 -14.92
N PHE A 128 9.08 -14.25 -15.36
CA PHE A 128 9.55 -15.36 -14.53
C PHE A 128 10.30 -14.86 -13.30
N ILE A 129 11.04 -13.76 -13.45
CA ILE A 129 11.72 -13.10 -12.33
C ILE A 129 10.69 -12.52 -11.35
N MET A 130 9.57 -11.99 -11.90
CA MET A 130 8.45 -11.53 -11.07
C MET A 130 7.80 -12.68 -10.31
N GLY A 131 7.67 -13.84 -10.95
CA GLY A 131 7.14 -15.02 -10.27
C GLY A 131 8.05 -15.54 -9.19
N ILE A 132 9.37 -15.50 -9.44
CA ILE A 132 10.37 -15.90 -8.45
C ILE A 132 10.34 -14.96 -7.24
N GLY A 133 10.19 -13.66 -7.50
CA GLY A 133 10.04 -12.70 -6.41
C GLY A 133 8.72 -12.85 -5.65
N GLY A 134 7.65 -13.22 -6.36
CA GLY A 134 6.38 -13.46 -5.69
C GLY A 134 6.39 -14.69 -4.79
N VAL A 135 7.09 -15.74 -5.22
CA VAL A 135 7.28 -16.90 -4.36
C VAL A 135 8.21 -16.55 -3.19
N LEU A 136 9.26 -15.77 -3.46
CA LEU A 136 10.25 -15.41 -2.45
C LEU A 136 9.69 -14.46 -1.38
N THR A 137 8.66 -13.67 -1.74
CA THR A 137 8.02 -12.81 -0.75
C THR A 137 7.16 -13.62 0.22
N ALA A 138 6.47 -14.64 -0.27
CA ALA A 138 5.67 -15.52 0.57
C ALA A 138 6.50 -16.58 1.27
N LEU A 139 7.74 -16.77 0.85
CA LEU A 139 8.63 -17.75 1.46
C LEU A 139 9.00 -17.54 2.94
N PRO A 140 9.10 -16.32 3.53
CA PRO A 140 9.27 -16.24 5.00
C PRO A 140 8.11 -16.74 5.84
N HIS A 141 6.91 -16.94 5.28
CA HIS A 141 5.86 -17.58 6.09
C HIS A 141 6.17 -19.05 6.33
N PHE A 142 6.85 -19.70 5.39
CA PHE A 142 6.94 -21.15 5.40
C PHE A 142 7.97 -21.69 6.39
N PHE A 143 8.83 -20.86 6.99
CA PHE A 143 9.80 -21.37 7.97
C PHE A 143 10.08 -20.41 9.13
N MET A 144 9.06 -19.84 9.76
CA MET A 144 9.26 -19.20 11.07
C MET A 144 8.38 -19.72 12.19
N GLY A 145 7.63 -20.79 11.99
CA GLY A 145 6.85 -21.33 13.10
C GLY A 145 5.56 -20.58 13.33
N TYR A 146 5.02 -20.79 14.53
CA TYR A 146 3.73 -20.22 14.91
C TYR A 146 3.84 -18.72 15.13
N TYR A 147 2.80 -17.99 14.71
CA TYR A 147 2.70 -16.57 15.01
C TYR A 147 2.17 -16.38 16.42
N ARG A 148 2.78 -15.48 17.16
CA ARG A 148 2.42 -15.21 18.54
C ARG A 148 1.99 -13.76 18.69
N TYR A 149 0.89 -13.53 19.39
CA TYR A 149 0.33 -12.20 19.56
C TYR A 149 0.23 -11.76 21.02
N SER A 150 0.13 -12.68 21.96
CA SER A 150 0.01 -12.32 23.38
C SER A 150 1.00 -13.12 24.22
N THR A 164 -12.37 3.66 28.03
CA THR A 164 -12.21 5.10 28.20
C THR A 164 -13.56 5.78 28.30
N LEU A 165 -13.99 6.08 29.54
CA LEU A 165 -15.26 6.76 29.74
C LEU A 165 -15.17 8.24 29.38
N SER A 166 -14.04 8.87 29.71
CA SER A 166 -13.71 10.29 29.47
C SER A 166 -14.76 11.23 30.09
N THR A 167 -14.85 11.17 31.41
CA THR A 167 -15.81 11.95 32.17
C THR A 167 -15.11 13.12 32.84
N CYS A 168 -15.80 14.26 32.92
CA CYS A 168 -15.27 15.45 33.57
C CYS A 168 -15.26 15.31 35.08
N SER A 194 13.52 -11.96 13.09
CA SER A 194 13.33 -10.51 13.05
C SER A 194 14.12 -9.91 11.89
N TYR A 195 14.95 -10.71 11.24
CA TYR A 195 15.75 -10.29 10.10
C TYR A 195 15.36 -11.00 8.81
N MET A 196 14.15 -11.56 8.75
CA MET A 196 13.71 -12.26 7.55
C MET A 196 13.17 -11.33 6.47
N TRP A 197 12.96 -10.04 6.81
CA TRP A 197 12.34 -9.09 5.90
C TRP A 197 13.20 -8.76 4.69
N ILE A 198 14.52 -9.04 4.79
CA ILE A 198 15.44 -8.86 3.68
C ILE A 198 15.07 -9.77 2.50
N TYR A 199 14.50 -10.97 2.81
CA TYR A 199 13.86 -11.84 1.83
C TYR A 199 12.78 -11.10 1.04
N VAL A 200 11.88 -10.45 1.78
CA VAL A 200 10.81 -9.63 1.21
C VAL A 200 11.41 -8.48 0.42
N PHE A 201 12.50 -7.89 0.93
CA PHE A 201 13.22 -6.80 0.27
C PHE A 201 13.78 -7.27 -1.06
N MET A 202 14.37 -8.47 -1.06
CA MET A 202 14.94 -9.03 -2.29
C MET A 202 13.84 -9.41 -3.25
N GLY A 203 12.70 -9.85 -2.70
CA GLY A 203 11.55 -10.17 -3.52
C GLY A 203 10.98 -8.94 -4.19
N ASN A 204 10.99 -7.81 -3.46
CA ASN A 204 10.55 -6.54 -4.01
C ASN A 204 11.50 -6.07 -5.10
N MET A 205 12.81 -6.32 -4.89
CA MET A 205 13.80 -5.99 -5.91
C MET A 205 13.61 -6.86 -7.14
N LEU A 206 13.27 -8.13 -6.92
CA LEU A 206 13.02 -9.02 -8.03
C LEU A 206 11.73 -8.65 -8.74
N ARG A 207 10.75 -8.16 -7.96
CA ARG A 207 9.51 -7.73 -8.57
C ARG A 207 9.70 -6.39 -9.27
N GLY A 208 10.71 -5.61 -8.84
CA GLY A 208 11.10 -4.42 -9.58
C GLY A 208 11.64 -4.78 -10.94
N ILE A 209 12.45 -5.85 -11.00
CA ILE A 209 12.91 -6.38 -12.29
C ILE A 209 11.74 -7.00 -13.04
N GLY A 210 10.74 -7.50 -12.30
CA GLY A 210 9.56 -8.03 -12.93
C GLY A 210 8.65 -6.98 -13.54
N GLU A 211 8.81 -5.71 -13.15
CA GLU A 211 8.04 -4.68 -13.83
C GLU A 211 8.95 -3.89 -14.78
N THR A 212 10.20 -4.34 -14.96
CA THR A 212 11.06 -3.68 -15.95
C THR A 212 10.70 -3.96 -17.42
N PRO A 213 10.78 -5.18 -17.95
CA PRO A 213 10.86 -5.29 -19.41
C PRO A 213 9.51 -5.29 -20.14
N ILE A 214 8.39 -5.12 -19.43
CA ILE A 214 7.09 -5.33 -20.06
C ILE A 214 6.63 -4.07 -20.77
N VAL A 215 6.76 -2.92 -20.11
CA VAL A 215 6.11 -1.69 -20.57
C VAL A 215 6.86 -1.04 -21.73
N PRO A 216 8.25 -0.85 -21.76
CA PRO A 216 8.84 -0.37 -23.02
C PRO A 216 8.79 -1.35 -24.20
N LEU A 217 9.41 -2.53 -24.01
CA LEU A 217 9.89 -3.37 -25.12
C LEU A 217 8.74 -3.91 -25.97
N GLY A 218 7.75 -4.51 -25.31
CA GLY A 218 6.61 -5.06 -26.01
C GLY A 218 5.73 -4.00 -26.65
N LEU A 219 5.71 -2.79 -26.06
CA LEU A 219 4.98 -1.70 -26.70
C LEU A 219 5.68 -1.25 -27.97
N SER A 220 7.02 -1.32 -27.96
CA SER A 220 7.78 -1.15 -29.20
C SER A 220 7.47 -2.28 -30.18
N TYR A 221 7.28 -3.50 -29.65
CA TYR A 221 6.87 -4.62 -30.48
C TYR A 221 5.44 -4.45 -30.97
N ILE A 222 4.61 -3.66 -30.29
CA ILE A 222 3.32 -3.31 -30.86
C ILE A 222 3.51 -2.30 -32.00
N ASP A 223 4.41 -1.32 -31.82
CA ASP A 223 4.45 -0.26 -32.82
C ASP A 223 5.25 -0.65 -34.05
N ASP A 224 6.23 -1.55 -33.90
CA ASP A 224 7.06 -1.93 -35.04
C ASP A 224 6.42 -3.00 -35.92
N PHE A 225 5.35 -3.65 -35.47
CA PHE A 225 4.83 -4.81 -36.19
C PHE A 225 3.33 -4.80 -36.44
N ALA A 226 2.53 -4.04 -35.70
CA ALA A 226 1.12 -3.92 -36.05
C ALA A 226 0.95 -2.97 -37.23
N LYS A 227 -0.24 -3.00 -37.82
CA LYS A 227 -0.54 -2.13 -38.94
C LYS A 227 -0.75 -0.69 -38.46
N GLU A 228 -0.74 0.24 -39.42
CA GLU A 228 -0.75 1.66 -39.10
C GLU A 228 -2.15 2.10 -38.66
N GLY A 229 -2.22 2.64 -37.45
CA GLY A 229 -3.47 3.05 -36.84
C GLY A 229 -4.05 2.05 -35.87
N HIS A 230 -3.61 0.79 -35.93
CA HIS A 230 -4.15 -0.25 -35.06
C HIS A 230 -3.54 -0.23 -33.67
N SER A 231 -2.43 0.49 -33.46
CA SER A 231 -1.65 0.37 -32.23
C SER A 231 -2.33 1.06 -31.05
N SER A 232 -3.04 2.17 -31.32
CA SER A 232 -3.74 2.86 -30.23
C SER A 232 -4.97 2.10 -29.79
N LEU A 233 -5.59 1.35 -30.72
CA LEU A 233 -6.68 0.45 -30.37
C LEU A 233 -6.18 -0.68 -29.48
N TYR A 234 -4.98 -1.21 -29.77
CA TYR A 234 -4.38 -2.22 -28.92
C TYR A 234 -3.98 -1.66 -27.55
N LEU A 235 -3.52 -0.41 -27.51
CA LEU A 235 -3.22 0.25 -26.23
C LEU A 235 -4.47 0.45 -25.38
N GLY A 236 -5.58 0.85 -26.02
CA GLY A 236 -6.85 0.95 -25.30
C GLY A 236 -7.37 -0.39 -24.83
N ILE A 237 -7.15 -1.44 -25.63
CA ILE A 237 -7.58 -2.80 -25.25
C ILE A 237 -6.78 -3.32 -24.05
N LEU A 238 -5.45 -3.17 -24.07
CA LEU A 238 -4.65 -3.66 -22.95
C LEU A 238 -4.80 -2.79 -21.70
N ASN A 239 -5.06 -1.48 -21.86
CA ASN A 239 -5.34 -0.67 -20.68
C ASN A 239 -6.75 -0.92 -20.14
N ALA A 240 -7.65 -1.44 -20.97
CA ALA A 240 -8.95 -1.86 -20.45
C ALA A 240 -8.86 -3.20 -19.72
N ILE A 241 -8.07 -4.13 -20.27
CA ILE A 241 -7.96 -5.46 -19.65
C ILE A 241 -7.05 -5.41 -18.40
N ALA A 242 -6.19 -4.39 -18.30
CA ALA A 242 -5.36 -4.24 -17.10
C ALA A 242 -6.15 -3.73 -15.88
N MET A 243 -7.42 -3.33 -16.05
CA MET A 243 -8.27 -3.02 -14.91
C MET A 243 -8.93 -4.25 -14.30
N ILE A 244 -8.80 -5.42 -14.92
CA ILE A 244 -9.29 -6.66 -14.32
C ILE A 244 -8.44 -7.02 -13.10
N GLY A 245 -7.14 -6.75 -13.18
CA GLY A 245 -6.17 -7.01 -12.12
C GLY A 245 -6.39 -6.40 -10.75
N PRO A 246 -6.72 -5.10 -10.66
CA PRO A 246 -7.14 -4.55 -9.35
C PRO A 246 -8.42 -5.14 -8.78
N ILE A 247 -9.34 -5.62 -9.62
CA ILE A 247 -10.57 -6.24 -9.13
C ILE A 247 -10.26 -7.58 -8.47
N ILE A 248 -9.42 -8.39 -9.14
CA ILE A 248 -8.93 -9.65 -8.58
C ILE A 248 -8.07 -9.40 -7.34
N GLY A 249 -7.31 -8.29 -7.36
CA GLY A 249 -6.48 -7.94 -6.21
C GLY A 249 -7.28 -7.55 -4.98
N PHE A 250 -8.36 -6.77 -5.18
CA PHE A 250 -9.25 -6.40 -4.08
C PHE A 250 -10.00 -7.60 -3.53
N THR A 251 -10.49 -8.47 -4.43
CA THR A 251 -11.27 -9.64 -4.02
C THR A 251 -10.41 -10.65 -3.28
N LEU A 252 -9.22 -10.96 -3.81
CA LEU A 252 -8.34 -11.91 -3.15
C LEU A 252 -7.68 -11.31 -1.91
N GLY A 253 -7.49 -9.98 -1.88
CA GLY A 253 -6.95 -9.35 -0.69
C GLY A 253 -7.91 -9.35 0.47
N SER A 254 -9.19 -9.06 0.20
CA SER A 254 -10.21 -9.11 1.25
C SER A 254 -10.49 -10.53 1.69
N LEU A 255 -10.55 -11.48 0.73
CA LEU A 255 -10.84 -12.87 1.05
C LEU A 255 -9.68 -13.53 1.80
N PHE A 256 -8.44 -13.20 1.45
CA PHE A 256 -7.30 -13.77 2.13
C PHE A 256 -6.95 -13.01 3.40
N SER A 257 -7.46 -11.78 3.57
CA SER A 257 -7.35 -11.12 4.85
C SER A 257 -8.49 -11.50 5.79
N LYS A 258 -9.50 -12.23 5.29
CA LYS A 258 -10.56 -12.72 6.17
C LYS A 258 -10.06 -13.78 7.14
N MET A 259 -9.32 -14.79 6.67
CA MET A 259 -8.91 -15.84 7.60
C MET A 259 -7.53 -15.56 8.19
N TYR A 260 -7.13 -16.46 9.10
CA TYR A 260 -5.89 -16.37 9.85
C TYR A 260 -4.69 -16.62 8.95
N VAL A 261 -3.51 -16.17 9.41
CA VAL A 261 -2.27 -16.34 8.66
C VAL A 261 -1.84 -17.81 8.64
N ASP A 262 -2.20 -18.58 9.67
CA ASP A 262 -1.78 -19.96 9.80
C ASP A 262 -2.87 -20.95 9.46
N ILE A 263 -3.68 -20.67 8.43
CA ILE A 263 -4.67 -21.64 7.97
C ILE A 263 -3.96 -22.77 7.24
N GLY A 264 -4.43 -24.00 7.43
CA GLY A 264 -3.76 -25.17 6.92
C GLY A 264 -2.73 -25.76 7.86
N TYR A 265 -2.52 -25.14 9.03
CA TYR A 265 -1.57 -25.64 10.01
C TYR A 265 -2.15 -25.82 11.40
N VAL A 266 -3.09 -24.96 11.81
CA VAL A 266 -3.66 -25.00 13.15
C VAL A 266 -5.13 -25.33 13.07
N ASP A 267 -5.71 -25.66 14.23
CA ASP A 267 -7.16 -25.75 14.35
C ASP A 267 -7.72 -24.35 14.49
N LEU A 268 -8.76 -24.04 13.72
CA LEU A 268 -9.29 -22.69 13.68
C LEU A 268 -10.17 -22.36 14.88
N SER A 269 -10.56 -23.38 15.67
CA SER A 269 -11.36 -23.12 16.87
C SER A 269 -10.54 -22.58 18.03
N THR A 270 -9.20 -22.70 17.96
CA THR A 270 -8.34 -22.22 19.03
C THR A 270 -8.05 -20.72 18.93
N ILE A 271 -8.49 -20.06 17.87
CA ILE A 271 -8.21 -18.64 17.67
C ILE A 271 -9.17 -17.82 18.52
N ARG A 272 -8.62 -16.93 19.35
CA ARG A 272 -9.43 -16.07 20.21
C ARG A 272 -9.66 -14.68 19.63
N ILE A 273 -8.92 -14.29 18.60
CA ILE A 273 -8.96 -12.92 18.12
C ILE A 273 -9.83 -12.84 16.87
N THR A 274 -10.34 -11.64 16.61
CA THR A 274 -11.18 -11.28 15.49
C THR A 274 -10.38 -10.52 14.45
N PRO A 275 -10.87 -10.40 13.21
CA PRO A 275 -10.25 -9.48 12.25
C PRO A 275 -10.28 -8.00 12.66
N THR A 276 -11.21 -7.59 13.53
CA THR A 276 -11.22 -6.23 14.07
C THR A 276 -10.23 -6.03 15.21
N ASP A 277 -9.60 -7.10 15.71
CA ASP A 277 -8.64 -6.98 16.79
C ASP A 277 -7.33 -6.41 16.28
N SER A 278 -6.60 -5.73 17.17
CA SER A 278 -5.36 -5.05 16.79
C SER A 278 -4.19 -6.01 16.59
N ARG A 279 -4.28 -7.22 17.13
CA ARG A 279 -3.20 -8.19 17.00
C ARG A 279 -3.42 -9.18 15.86
N TRP A 280 -4.44 -8.96 15.03
CA TRP A 280 -4.74 -9.89 13.94
C TRP A 280 -3.76 -9.73 12.80
N VAL A 281 -3.33 -10.86 12.23
CA VAL A 281 -2.52 -10.91 11.02
C VAL A 281 -3.24 -11.84 10.05
N GLY A 282 -3.64 -11.31 8.90
CA GLY A 282 -4.27 -12.11 7.88
C GLY A 282 -3.26 -12.90 7.08
N ALA A 283 -3.78 -13.74 6.18
CA ALA A 283 -2.94 -14.59 5.33
C ALA A 283 -2.35 -13.74 4.22
N TRP A 284 -1.25 -13.06 4.55
CA TRP A 284 -0.55 -12.21 3.59
C TRP A 284 0.22 -13.03 2.57
N TRP A 285 0.61 -14.25 2.92
CA TRP A 285 1.43 -15.09 2.04
C TRP A 285 0.63 -15.65 0.88
N LEU A 286 -0.69 -15.82 1.03
CA LEU A 286 -1.52 -16.34 -0.04
C LEU A 286 -1.64 -15.35 -1.19
N ASN A 287 -1.64 -14.05 -0.86
CA ASN A 287 -1.61 -12.97 -1.85
C ASN A 287 -0.37 -13.04 -2.74
N PHE A 288 0.81 -13.16 -2.11
CA PHE A 288 2.05 -13.21 -2.87
C PHE A 288 2.23 -14.56 -3.56
N LEU A 289 1.60 -15.62 -3.04
CA LEU A 289 1.69 -16.91 -3.72
C LEU A 289 0.85 -16.95 -4.99
N VAL A 290 -0.37 -16.39 -4.94
CA VAL A 290 -1.20 -16.30 -6.15
C VAL A 290 -0.57 -15.33 -7.15
N SER A 291 0.04 -14.24 -6.65
CA SER A 291 0.75 -13.29 -7.52
C SER A 291 1.97 -13.92 -8.20
N GLY A 292 2.74 -14.72 -7.46
CA GLY A 292 3.91 -15.36 -8.02
C GLY A 292 3.59 -16.47 -9.00
N LEU A 293 2.62 -17.32 -8.67
CA LEU A 293 2.24 -18.39 -9.59
C LEU A 293 1.51 -17.86 -10.83
N PHE A 294 0.75 -16.75 -10.69
CA PHE A 294 0.08 -16.20 -11.85
C PHE A 294 1.10 -15.46 -12.73
N SER A 295 2.18 -14.94 -12.12
CA SER A 295 3.27 -14.39 -12.91
C SER A 295 4.06 -15.47 -13.64
N ILE A 296 4.18 -16.67 -13.05
CA ILE A 296 4.84 -17.78 -13.76
C ILE A 296 3.99 -18.27 -14.95
N ILE A 297 2.67 -18.40 -14.75
CA ILE A 297 1.78 -18.78 -15.87
C ILE A 297 1.71 -17.67 -16.93
N SER A 298 1.85 -16.40 -16.53
CA SER A 298 1.98 -15.34 -17.52
C SER A 298 3.36 -15.34 -18.18
N SER A 299 4.37 -15.92 -17.53
CA SER A 299 5.69 -16.08 -18.15
C SER A 299 5.75 -17.30 -19.06
N ILE A 300 4.77 -18.21 -18.96
CA ILE A 300 4.71 -19.37 -19.87
C ILE A 300 4.59 -19.02 -21.36
N PRO A 301 3.57 -18.29 -21.85
CA PRO A 301 3.37 -18.28 -23.31
C PRO A 301 4.26 -17.28 -24.05
N PHE A 302 5.14 -16.56 -23.36
CA PHE A 302 6.05 -15.65 -24.05
C PHE A 302 7.17 -16.38 -24.75
N PHE A 303 7.55 -17.57 -24.26
CA PHE A 303 8.64 -18.32 -24.87
C PHE A 303 8.22 -19.05 -26.14
N PHE A 304 6.92 -19.14 -26.42
CA PHE A 304 6.43 -19.82 -27.62
C PHE A 304 6.08 -18.85 -28.74
N LEU A 305 6.46 -17.57 -28.61
CA LEU A 305 6.19 -16.58 -29.64
C LEU A 305 7.44 -16.34 -30.48
N PRO A 306 7.31 -16.16 -31.80
CA PRO A 306 8.49 -15.92 -32.63
C PRO A 306 9.01 -14.49 -32.46
N GLN A 307 10.22 -14.27 -32.97
CA GLN A 307 10.83 -12.95 -32.89
C GLN A 307 10.18 -11.98 -33.87
N THR A 308 9.89 -12.44 -35.09
CA THR A 308 9.14 -11.68 -36.08
C THR A 308 7.93 -12.50 -36.49
N PRO A 309 6.77 -11.87 -36.69
CA PRO A 309 5.62 -12.62 -37.22
C PRO A 309 5.78 -13.01 -38.68
N ASN A 310 6.42 -12.17 -39.49
CA ASN A 310 6.62 -12.47 -40.91
C ASN A 310 8.10 -12.43 -41.26
N GLY A 350 26.11 3.28 -29.41
CA GLY A 350 26.32 3.13 -27.99
C GLY A 350 25.15 3.61 -27.17
N PHE A 351 25.22 3.39 -25.85
CA PHE A 351 24.15 3.84 -24.97
C PHE A 351 24.22 5.34 -24.73
N PHE A 352 25.43 5.89 -24.66
CA PHE A 352 25.60 7.31 -24.32
C PHE A 352 25.20 8.20 -25.49
N GLN A 353 25.57 7.83 -26.72
CA GLN A 353 25.24 8.63 -27.89
C GLN A 353 23.75 8.59 -28.20
N SER A 354 23.13 7.41 -28.03
CA SER A 354 21.69 7.28 -28.21
C SER A 354 20.92 8.01 -27.13
N PHE A 355 21.41 7.97 -25.88
CA PHE A 355 20.79 8.68 -24.77
C PHE A 355 20.93 10.20 -24.94
N LYS A 356 22.05 10.65 -25.51
CA LYS A 356 22.22 12.05 -25.86
C LYS A 356 21.27 12.46 -26.99
N SER A 357 21.04 11.57 -27.96
CA SER A 357 20.11 11.86 -29.05
C SER A 357 18.66 11.91 -28.57
N ILE A 358 18.33 11.13 -27.54
CA ILE A 358 17.02 11.28 -26.89
C ILE A 358 16.94 12.57 -26.09
N LEU A 359 17.98 12.90 -25.32
CA LEU A 359 17.87 14.02 -24.37
C LEU A 359 17.97 15.38 -25.07
N THR A 360 18.66 15.47 -26.19
CA THR A 360 18.74 16.75 -26.88
C THR A 360 17.59 17.01 -27.83
N ASN A 361 16.63 16.10 -27.93
CA ASN A 361 15.41 16.37 -28.68
C ASN A 361 14.52 17.29 -27.85
N PRO A 362 14.16 18.49 -28.35
CA PRO A 362 13.44 19.44 -27.49
C PRO A 362 11.96 19.12 -27.33
N LEU A 363 11.32 18.57 -28.38
CA LEU A 363 9.91 18.19 -28.31
C LEU A 363 9.69 17.05 -27.35
N TYR A 364 10.64 16.10 -27.30
CA TYR A 364 10.51 14.96 -26.40
C TYR A 364 10.67 15.38 -24.94
N VAL A 365 11.66 16.21 -24.62
CA VAL A 365 11.88 16.60 -23.23
C VAL A 365 10.79 17.58 -22.77
N MET A 366 10.22 18.33 -23.72
CA MET A 366 9.05 19.16 -23.41
C MET A 366 7.82 18.31 -23.13
N PHE A 367 7.63 17.21 -23.89
CA PHE A 367 6.51 16.31 -23.63
C PHE A 367 6.70 15.52 -22.33
N VAL A 368 7.94 15.19 -21.98
CA VAL A 368 8.22 14.49 -20.73
C VAL A 368 7.97 15.38 -19.52
N LEU A 369 8.39 16.65 -19.59
CA LEU A 369 8.11 17.61 -18.52
C LEU A 369 6.62 17.91 -18.41
N LEU A 370 5.94 17.96 -19.57
CA LEU A 370 4.49 18.10 -19.67
C LEU A 370 3.75 16.96 -18.98
N THR A 371 4.09 15.72 -19.32
CA THR A 371 3.38 14.57 -18.80
C THR A 371 3.77 14.35 -17.33
N LEU A 372 4.98 14.78 -16.93
CA LEU A 372 5.36 14.79 -15.52
C LEU A 372 4.50 15.74 -14.71
N LEU A 373 4.23 16.96 -15.23
CA LEU A 373 3.35 17.90 -14.52
C LEU A 373 1.90 17.39 -14.46
N GLN A 374 1.42 16.81 -15.57
CA GLN A 374 0.03 16.32 -15.61
C GLN A 374 -0.18 15.09 -14.73
N VAL A 375 0.76 14.14 -14.79
CA VAL A 375 0.69 12.92 -13.99
C VAL A 375 0.94 13.22 -12.52
N SER A 376 1.79 14.22 -12.23
CA SER A 376 1.97 14.70 -10.85
C SER A 376 0.72 15.34 -10.30
N SER A 377 -0.02 16.07 -11.16
CA SER A 377 -1.32 16.63 -10.77
C SER A 377 -2.34 15.53 -10.49
N TYR A 378 -2.33 14.47 -11.33
CA TYR A 378 -3.22 13.32 -11.12
C TYR A 378 -2.91 12.58 -9.81
N ILE A 379 -1.62 12.37 -9.54
CA ILE A 379 -1.17 11.63 -8.36
C ILE A 379 -1.45 12.43 -7.09
N GLY A 380 -1.17 13.73 -7.11
CA GLY A 380 -1.50 14.55 -5.96
C GLY A 380 -2.98 14.84 -5.81
N ALA A 381 -3.76 14.65 -6.88
CA ALA A 381 -5.20 14.74 -6.76
C ALA A 381 -5.76 13.50 -6.07
N PHE A 382 -5.60 12.33 -6.70
CA PHE A 382 -6.36 11.16 -6.26
C PHE A 382 -5.80 10.47 -5.02
N THR A 383 -4.61 10.85 -4.54
CA THR A 383 -4.13 10.34 -3.26
C THR A 383 -4.95 10.87 -2.10
N TYR A 384 -5.41 12.11 -2.19
CA TYR A 384 -6.08 12.78 -1.07
C TYR A 384 -7.51 13.21 -1.40
N VAL A 385 -8.19 12.48 -2.30
CA VAL A 385 -9.60 12.78 -2.56
C VAL A 385 -10.47 12.33 -1.38
N PHE A 386 -10.15 11.19 -0.75
CA PHE A 386 -11.01 10.66 0.31
C PHE A 386 -10.82 11.43 1.61
N LYS A 387 -9.61 11.94 1.83
CA LYS A 387 -9.38 12.84 2.97
C LYS A 387 -10.08 14.18 2.75
N TYR A 388 -10.18 14.62 1.49
CA TYR A 388 -10.93 15.83 1.18
C TYR A 388 -12.43 15.63 1.38
N VAL A 389 -12.92 14.42 1.09
CA VAL A 389 -14.29 14.04 1.41
C VAL A 389 -14.52 14.04 2.91
N GLU A 390 -13.55 13.50 3.68
CA GLU A 390 -13.71 13.38 5.13
C GLU A 390 -13.64 14.74 5.82
N GLN A 391 -12.83 15.67 5.32
CA GLN A 391 -12.78 16.99 5.93
C GLN A 391 -13.88 17.92 5.43
N GLN A 392 -14.12 17.97 4.12
CA GLN A 392 -15.03 18.97 3.54
C GLN A 392 -16.48 18.52 3.60
N TYR A 393 -16.82 17.40 2.98
CA TYR A 393 -18.20 16.95 2.89
C TYR A 393 -18.61 16.02 4.03
N GLY A 394 -17.67 15.58 4.85
CA GLY A 394 -18.01 14.89 6.08
C GLY A 394 -18.32 13.41 5.96
N GLN A 395 -18.08 12.79 4.81
CA GLN A 395 -18.34 11.36 4.69
C GLN A 395 -17.06 10.55 4.95
N PRO A 396 -17.13 9.50 5.76
CA PRO A 396 -16.02 8.56 5.93
C PRO A 396 -15.63 7.84 4.65
N SER A 397 -14.43 7.29 4.65
CA SER A 397 -13.91 6.51 3.54
C SER A 397 -13.86 5.03 3.89
N GLY A 405 -15.19 0.55 -6.07
CA GLY A 405 -15.72 1.22 -7.25
C GLY A 405 -16.44 0.29 -8.20
N VAL A 406 -17.75 0.16 -8.00
CA VAL A 406 -18.57 -0.69 -8.87
C VAL A 406 -18.74 -0.04 -10.23
N ILE A 407 -19.02 1.26 -10.26
CA ILE A 407 -19.29 1.97 -11.49
C ILE A 407 -18.05 2.64 -12.07
N THR A 408 -17.05 2.98 -11.25
CA THR A 408 -15.92 3.83 -11.64
C THR A 408 -14.96 3.12 -12.60
N ILE A 409 -14.66 1.85 -12.32
CA ILE A 409 -13.69 1.11 -13.13
C ILE A 409 -14.20 0.76 -14.54
N PRO A 410 -15.48 0.34 -14.76
CA PRO A 410 -15.96 0.30 -16.15
C PRO A 410 -16.06 1.64 -16.86
N ILE A 411 -16.24 2.74 -16.12
CA ILE A 411 -16.21 4.08 -16.73
C ILE A 411 -14.80 4.41 -17.23
N PHE A 412 -13.77 4.06 -16.44
CA PHE A 412 -12.38 4.30 -16.86
C PHE A 412 -11.97 3.36 -18.00
N ALA A 413 -12.45 2.12 -17.99
CA ALA A 413 -12.15 1.18 -19.07
C ALA A 413 -12.83 1.58 -20.37
N SER A 414 -14.07 2.08 -20.28
CA SER A 414 -14.76 2.58 -21.45
C SER A 414 -14.14 3.87 -21.94
N GLY A 415 -13.58 4.68 -21.04
CA GLY A 415 -12.85 5.87 -21.44
C GLY A 415 -11.58 5.58 -22.21
N MET A 416 -10.80 4.59 -21.74
CA MET A 416 -9.59 4.19 -22.46
C MET A 416 -9.90 3.55 -23.81
N PHE A 417 -10.92 2.68 -23.86
CA PHE A 417 -11.29 2.07 -25.14
C PHE A 417 -11.93 3.07 -26.09
N LEU A 418 -12.66 4.06 -25.56
CA LEU A 418 -13.25 5.10 -26.39
C LEU A 418 -12.19 6.02 -26.96
N GLY A 419 -11.17 6.37 -26.15
CA GLY A 419 -10.07 7.18 -26.67
C GLY A 419 -9.24 6.46 -27.71
N GLY A 420 -9.02 5.15 -27.52
CA GLY A 420 -8.37 4.35 -28.54
C GLY A 420 -9.19 4.23 -29.82
N TYR A 421 -10.51 4.20 -29.68
CA TYR A 421 -11.37 4.13 -30.87
C TYR A 421 -11.45 5.47 -31.60
N ILE A 422 -11.35 6.59 -30.87
CA ILE A 422 -11.27 7.89 -31.54
C ILE A 422 -9.95 8.05 -32.29
N ILE A 423 -8.84 7.62 -31.70
CA ILE A 423 -7.55 7.70 -32.40
C ILE A 423 -7.49 6.72 -33.59
N LYS A 424 -8.07 5.53 -33.44
CA LYS A 424 -8.06 4.54 -34.53
C LYS A 424 -9.01 4.94 -35.67
N LYS A 425 -10.23 5.37 -35.33
CA LYS A 425 -11.27 5.53 -36.35
C LYS A 425 -11.08 6.81 -37.15
N PHE A 426 -10.61 7.88 -36.52
CA PHE A 426 -10.59 9.18 -37.20
C PHE A 426 -9.36 9.38 -38.08
N LYS A 427 -8.43 8.40 -38.08
CA LYS A 427 -7.16 8.42 -38.83
C LYS A 427 -6.33 9.67 -38.52
N LEU A 428 -6.18 9.96 -37.24
CA LEU A 428 -5.47 11.16 -36.81
C LEU A 428 -3.97 11.00 -37.02
N ASN A 429 -3.33 12.10 -37.43
CA ASN A 429 -1.89 12.16 -37.54
C ASN A 429 -1.27 12.50 -36.17
N THR A 430 0.01 12.88 -36.18
CA THR A 430 0.77 13.06 -34.94
C THR A 430 0.29 14.30 -34.18
N VAL A 431 0.15 15.42 -34.89
CA VAL A 431 -0.34 16.65 -34.28
C VAL A 431 -1.83 16.55 -33.97
N GLY A 432 -2.57 15.68 -34.68
CA GLY A 432 -3.96 15.44 -34.34
C GLY A 432 -4.15 14.72 -33.02
N ILE A 433 -3.28 13.72 -32.75
CA ILE A 433 -3.28 13.03 -31.47
C ILE A 433 -2.85 13.98 -30.35
N ALA A 434 -1.88 14.87 -30.64
CA ALA A 434 -1.44 15.85 -29.65
C ALA A 434 -2.52 16.88 -29.33
N LYS A 435 -3.26 17.35 -30.35
CA LYS A 435 -4.38 18.25 -30.10
C LYS A 435 -5.56 17.55 -29.43
N PHE A 436 -5.72 16.23 -29.67
CA PHE A 436 -6.76 15.48 -28.99
C PHE A 436 -6.47 15.33 -27.49
N SER A 437 -5.20 15.08 -27.15
CA SER A 437 -4.78 15.04 -25.76
C SER A 437 -4.88 16.41 -25.10
N CYS A 438 -4.56 17.46 -25.86
CA CYS A 438 -4.70 18.83 -25.34
C CYS A 438 -6.17 19.21 -25.14
N PHE A 439 -7.06 18.74 -26.03
CA PHE A 439 -8.49 19.02 -25.88
C PHE A 439 -9.10 18.27 -24.70
N THR A 440 -8.65 17.04 -24.44
CA THR A 440 -9.10 16.33 -23.25
C THR A 440 -8.56 16.97 -21.98
N ALA A 441 -7.36 17.53 -22.03
CA ALA A 441 -6.83 18.31 -20.90
C ALA A 441 -7.62 19.58 -20.64
N VAL A 442 -8.02 20.29 -21.71
CA VAL A 442 -8.86 21.49 -21.61
C VAL A 442 -10.22 21.14 -21.01
N MET A 443 -10.80 20.02 -21.45
CA MET A 443 -12.14 19.61 -21.02
C MET A 443 -12.13 19.18 -19.55
N SER A 444 -11.09 18.43 -19.17
CA SER A 444 -10.93 17.96 -17.80
C SER A 444 -10.63 19.11 -16.85
N LEU A 445 -9.83 20.10 -17.28
CA LEU A 445 -9.57 21.26 -16.43
C LEU A 445 -10.80 22.16 -16.34
N SER A 446 -11.63 22.17 -17.40
CA SER A 446 -12.86 22.98 -17.42
C SER A 446 -13.89 22.46 -16.43
N PHE A 447 -13.99 21.14 -16.28
CA PHE A 447 -14.74 20.66 -15.10
C PHE A 447 -13.93 20.65 -13.80
N TYR A 448 -12.59 20.69 -13.84
CA TYR A 448 -11.83 20.68 -12.60
C TYR A 448 -11.90 22.01 -11.86
N LEU A 449 -12.07 23.11 -12.60
CA LEU A 449 -12.16 24.43 -11.97
C LEU A 449 -13.53 24.71 -11.36
N LEU A 450 -14.52 23.83 -11.53
CA LEU A 450 -15.83 24.02 -10.95
C LEU A 450 -15.93 23.41 -9.54
N TYR A 451 -14.82 22.86 -9.01
CA TYR A 451 -14.78 22.41 -7.63
C TYR A 451 -14.82 23.56 -6.63
N PHE A 452 -14.41 24.76 -7.05
CA PHE A 452 -14.31 25.90 -6.13
C PHE A 452 -15.68 26.43 -5.71
N PHE A 453 -16.70 26.22 -6.54
CA PHE A 453 -18.01 26.82 -6.31
C PHE A 453 -18.97 25.90 -5.56
N ILE A 454 -18.53 24.70 -5.20
CA ILE A 454 -19.40 23.72 -4.54
C ILE A 454 -18.89 23.42 -3.12
N LEU A 455 -18.15 24.36 -2.54
CA LEU A 455 -17.62 24.20 -1.19
C LEU A 455 -18.72 24.32 -0.14
N CYS A 456 -18.65 23.48 0.88
CA CYS A 456 -19.54 23.59 2.03
C CYS A 456 -18.93 24.55 3.04
N GLU A 457 -19.65 24.76 4.15
CA GLU A 457 -19.20 25.74 5.13
C GLU A 457 -18.10 25.17 6.02
N ASN A 458 -17.51 26.06 6.83
CA ASN A 458 -16.57 25.64 7.86
C ASN A 458 -17.30 24.88 8.96
N LYS A 459 -16.67 23.81 9.44
CA LYS A 459 -17.22 23.08 10.56
C LYS A 459 -17.00 23.87 11.85
N SER A 460 -17.91 23.69 12.80
CA SER A 460 -17.89 24.45 14.05
C SER A 460 -17.27 23.57 15.13
N VAL A 461 -16.01 23.84 15.46
CA VAL A 461 -15.28 23.11 16.49
C VAL A 461 -14.84 24.08 17.58
N ALA A 462 -14.96 23.64 18.84
CA ALA A 462 -14.59 24.46 19.97
C ALA A 462 -13.14 24.21 20.35
N GLY A 463 -12.37 25.28 20.53
CA GLY A 463 -10.97 25.18 20.85
C GLY A 463 -10.05 25.20 19.65
N LEU A 464 -10.58 25.13 18.44
CA LEU A 464 -9.76 25.20 17.24
C LEU A 464 -10.14 26.37 16.34
N THR A 465 -11.43 26.54 16.06
CA THR A 465 -11.90 27.66 15.26
C THR A 465 -12.61 28.73 16.09
N MET A 466 -12.98 28.42 17.34
CA MET A 466 -13.62 29.36 18.25
C MET A 466 -13.38 28.86 19.67
N THR A 467 -13.78 29.67 20.65
CA THR A 467 -13.55 29.33 22.05
C THR A 467 -14.51 28.24 22.52
N TYR A 468 -14.26 27.75 23.74
CA TYR A 468 -15.04 26.66 24.29
C TYR A 468 -16.40 27.11 24.79
N ASP A 469 -16.55 28.40 25.11
CA ASP A 469 -17.76 28.86 25.79
C ASP A 469 -18.95 29.05 24.85
N GLY A 470 -18.71 29.07 23.54
CA GLY A 470 -19.81 29.22 22.61
C GLY A 470 -20.13 30.65 22.21
N ASN A 471 -19.21 31.58 22.42
CA ASN A 471 -19.51 33.01 22.22
C ASN A 471 -18.54 33.72 21.29
N ASN A 472 -17.25 33.42 21.39
CA ASN A 472 -16.22 34.30 20.84
C ASN A 472 -15.30 33.44 19.99
N PRO A 473 -14.93 33.88 18.77
CA PRO A 473 -13.93 33.13 17.98
C PRO A 473 -12.50 33.32 18.48
N VAL A 474 -11.55 32.65 17.85
CA VAL A 474 -10.13 32.76 18.19
C VAL A 474 -9.38 33.32 17.00
N THR A 475 -8.26 33.98 17.26
CA THR A 475 -7.39 34.43 16.18
C THR A 475 -6.61 33.26 15.58
N SER A 476 -6.10 32.37 16.42
CA SER A 476 -5.30 31.25 15.96
C SER A 476 -5.58 30.04 16.85
N HIS A 477 -5.28 28.86 16.32
CA HIS A 477 -5.52 27.60 17.00
C HIS A 477 -4.34 27.13 17.84
N ARG A 478 -3.26 27.91 17.89
CA ARG A 478 -2.06 27.51 18.62
C ARG A 478 -2.18 28.01 20.05
N ASP A 479 -2.28 27.06 21.00
CA ASP A 479 -2.31 27.27 22.46
C ASP A 479 -3.48 28.17 22.88
N VAL A 480 -4.68 27.65 22.67
CA VAL A 480 -5.91 28.40 22.98
C VAL A 480 -6.11 28.45 24.50
N PRO A 481 -6.73 29.49 25.05
CA PRO A 481 -6.99 29.51 26.49
C PRO A 481 -8.16 28.60 26.87
N LEU A 482 -8.15 28.19 28.13
CA LEU A 482 -9.21 27.34 28.66
C LEU A 482 -10.36 28.21 29.16
N SER A 483 -11.58 27.67 29.12
CA SER A 483 -12.78 28.41 29.50
C SER A 483 -13.18 28.03 30.92
N TYR A 484 -14.24 28.69 31.41
CA TYR A 484 -14.65 28.53 32.80
C TYR A 484 -15.39 27.20 33.02
N CYS A 485 -16.08 26.69 32.00
CA CYS A 485 -16.89 25.49 32.15
C CYS A 485 -16.02 24.24 32.25
N ASN A 486 -14.99 24.16 31.42
CA ASN A 486 -14.12 22.99 31.38
C ASN A 486 -12.83 23.19 32.18
N SER A 487 -12.80 24.17 33.08
CA SER A 487 -11.61 24.36 33.92
C SER A 487 -11.52 23.26 34.98
N ASP A 488 -12.66 22.80 35.49
CA ASP A 488 -12.65 21.74 36.48
C ASP A 488 -12.39 20.37 35.86
N CYS A 489 -12.61 20.24 34.56
CA CYS A 489 -12.47 18.96 33.86
C CYS A 489 -11.00 18.66 33.63
N ASN A 490 -10.47 17.67 34.35
CA ASN A 490 -9.05 17.33 34.28
C ASN A 490 -8.85 16.12 33.37
N CYS A 491 -8.89 16.38 32.06
CA CYS A 491 -8.57 15.38 31.04
C CYS A 491 -7.44 15.92 30.16
N ASP A 492 -7.01 15.07 29.23
CA ASP A 492 -5.93 15.43 28.31
C ASP A 492 -6.49 16.33 27.22
N GLU A 493 -5.86 17.50 27.02
CA GLU A 493 -6.28 18.40 25.96
C GLU A 493 -5.83 17.90 24.59
N SER A 494 -4.78 17.08 24.55
CA SER A 494 -4.30 16.55 23.27
C SER A 494 -5.07 15.31 22.85
N GLN A 495 -5.93 14.77 23.73
CA GLN A 495 -6.73 13.61 23.38
C GLN A 495 -7.85 14.00 22.42
N TRP A 496 -8.02 13.20 21.37
CA TRP A 496 -9.00 13.48 20.32
C TRP A 496 -10.09 12.40 20.34
N GLU A 497 -11.31 12.82 20.69
CA GLU A 497 -12.51 11.98 20.60
C GLU A 497 -13.66 12.92 20.30
N PRO A 498 -14.08 13.04 19.04
CA PRO A 498 -15.04 14.09 18.67
C PRO A 498 -16.46 13.77 19.11
N VAL A 499 -17.11 14.76 19.72
CA VAL A 499 -18.52 14.70 20.07
C VAL A 499 -19.18 16.00 19.63
N CYS A 500 -20.49 15.98 19.47
CA CYS A 500 -21.24 17.19 19.17
C CYS A 500 -22.54 17.20 19.97
N GLY A 501 -23.01 18.41 20.29
CA GLY A 501 -24.26 18.59 20.98
C GLY A 501 -25.42 18.75 20.01
N ASN A 502 -26.53 19.24 20.54
CA ASN A 502 -27.71 19.49 19.72
C ASN A 502 -27.65 20.84 19.01
N ASN A 503 -26.66 21.66 19.31
CA ASN A 503 -26.51 22.96 18.67
C ASN A 503 -25.72 22.90 17.37
N GLY A 504 -25.20 21.74 17.00
CA GLY A 504 -24.42 21.60 15.78
C GLY A 504 -22.97 21.99 15.90
N ILE A 505 -22.45 22.18 17.12
CA ILE A 505 -21.06 22.55 17.34
C ILE A 505 -20.30 21.32 17.84
N THR A 506 -19.28 20.92 17.09
CA THR A 506 -18.48 19.74 17.45
C THR A 506 -17.53 20.12 18.59
N TYR A 507 -17.39 19.22 19.57
CA TYR A 507 -16.42 19.39 20.64
C TYR A 507 -15.32 18.36 20.50
N ILE A 508 -14.10 18.75 20.85
CA ILE A 508 -12.93 17.95 20.52
C ILE A 508 -12.77 16.78 21.49
N SER A 509 -13.37 16.87 22.66
CA SER A 509 -13.38 15.78 23.63
C SER A 509 -14.62 15.91 24.50
N PRO A 510 -15.16 14.80 25.01
CA PRO A 510 -16.29 14.91 25.95
C PRO A 510 -15.93 15.50 27.31
N CYS A 511 -14.64 15.50 27.69
CA CYS A 511 -14.22 16.21 28.89
C CYS A 511 -14.30 17.72 28.70
N LEU A 512 -13.88 18.21 27.53
CA LEU A 512 -13.94 19.64 27.27
C LEU A 512 -15.32 20.10 26.80
N ALA A 513 -16.25 19.17 26.58
CA ALA A 513 -17.65 19.49 26.36
C ALA A 513 -18.43 19.62 27.65
N GLY A 514 -17.81 19.38 28.80
CA GLY A 514 -18.46 19.49 30.07
C GLY A 514 -19.29 18.29 30.48
N CYS A 515 -19.28 17.21 29.70
CA CYS A 515 -20.12 16.07 29.98
C CYS A 515 -19.51 15.23 31.10
N LYS A 516 -20.28 15.03 32.17
CA LYS A 516 -19.78 14.40 33.38
C LYS A 516 -20.23 12.95 33.55
N SER A 517 -21.33 12.56 32.92
CA SER A 517 -21.84 11.20 33.00
C SER A 517 -22.22 10.70 31.62
N SER A 518 -22.06 9.41 31.40
CA SER A 518 -22.39 8.77 30.13
C SER A 518 -22.99 7.40 30.40
N SER A 519 -23.84 6.96 29.48
CA SER A 519 -24.49 5.65 29.61
C SER A 519 -23.55 4.53 29.17
N LYS A 522 -22.76 1.23 26.85
CA LYS A 522 -24.02 0.86 26.21
C LYS A 522 -23.94 1.06 24.70
N LYS A 523 -24.76 0.30 23.97
CA LYS A 523 -24.83 0.44 22.51
C LYS A 523 -25.40 1.78 22.03
N PRO A 524 -26.47 2.38 22.63
CA PRO A 524 -26.73 3.79 22.32
C PRO A 524 -25.70 4.70 22.98
N ILE A 525 -25.53 5.88 22.38
CA ILE A 525 -24.56 6.86 22.84
C ILE A 525 -25.31 8.05 23.44
N VAL A 526 -24.98 8.37 24.69
CA VAL A 526 -25.59 9.51 25.37
C VAL A 526 -24.61 10.05 26.42
N PHE A 527 -24.38 11.37 26.39
CA PHE A 527 -23.55 12.05 27.38
C PHE A 527 -24.43 13.06 28.10
N TYR A 528 -24.65 12.83 29.39
CA TYR A 528 -25.59 13.62 30.17
C TYR A 528 -24.88 14.73 30.93
N ASN A 529 -25.63 15.81 31.19
CA ASN A 529 -25.26 16.93 32.07
C ASN A 529 -24.01 17.66 31.59
N CYS A 530 -23.95 17.94 30.29
CA CYS A 530 -22.83 18.70 29.75
C CYS A 530 -22.99 20.18 30.04
N SER A 531 -21.90 20.82 30.46
CA SER A 531 -21.96 22.18 30.98
C SER A 531 -21.23 23.20 30.13
N CYS A 532 -20.74 22.83 28.94
CA CYS A 532 -20.02 23.75 28.07
C CYS A 532 -20.84 24.12 26.83
N LEU A 533 -22.16 24.26 26.98
CA LEU A 533 -23.03 24.68 25.90
C LEU A 533 -23.96 25.73 26.49
N GLU A 534 -23.67 27.00 26.24
CA GLU A 534 -24.33 28.11 26.92
C GLU A 534 -25.47 28.64 26.06
N VAL A 535 -26.69 28.51 26.58
CA VAL A 535 -27.91 29.04 25.96
C VAL A 535 -28.66 29.88 26.99
N THR A 536 -29.83 30.37 26.61
CA THR A 536 -30.63 31.24 27.46
C THR A 536 -31.64 30.41 28.28
N GLY A 537 -31.07 29.58 29.16
CA GLY A 537 -31.86 28.87 30.15
C GLY A 537 -32.69 27.70 29.64
N LEU A 538 -32.30 27.11 28.50
CA LEU A 538 -33.02 25.93 28.01
C LEU A 538 -32.56 24.72 28.80
N GLN A 539 -33.52 24.01 29.41
CA GLN A 539 -33.18 22.87 30.25
C GLN A 539 -32.82 21.65 29.42
N ASN A 540 -33.47 21.47 28.27
CA ASN A 540 -33.22 20.29 27.44
C ASN A 540 -31.92 20.37 26.67
N ARG A 541 -31.34 21.57 26.52
CA ARG A 541 -30.11 21.74 25.75
C ARG A 541 -28.86 21.65 26.61
N ASN A 542 -28.79 20.63 27.46
CA ASN A 542 -27.64 20.40 28.33
C ASN A 542 -27.10 18.98 28.23
N TYR A 543 -27.67 18.13 27.40
CA TYR A 543 -27.35 16.70 27.38
C TYR A 543 -27.70 16.16 26.01
N SER A 544 -27.79 14.82 25.92
CA SER A 544 -28.14 14.03 24.73
C SER A 544 -27.17 14.27 23.58
N ALA A 545 -25.92 13.87 23.81
CA ALA A 545 -24.85 14.02 22.84
C ALA A 545 -24.27 12.65 22.51
N HIS A 546 -24.05 12.38 21.23
CA HIS A 546 -23.46 11.12 20.79
C HIS A 546 -21.99 11.36 20.44
N LEU A 547 -21.29 10.31 20.02
CA LEU A 547 -19.87 10.40 19.70
C LEU A 547 -19.68 10.52 18.19
N GLY A 548 -18.44 10.74 17.79
CA GLY A 548 -18.11 10.85 16.38
C GLY A 548 -18.42 12.21 15.81
N GLU A 549 -17.94 12.44 14.59
CA GLU A 549 -18.30 13.66 13.89
C GLU A 549 -19.70 13.49 13.32
N CYS A 550 -20.68 14.15 13.92
CA CYS A 550 -22.02 14.17 13.39
C CYS A 550 -22.08 14.99 12.10
N PRO A 551 -22.86 14.56 11.10
CA PRO A 551 -22.74 15.13 9.75
C PRO A 551 -23.33 16.54 9.65
N ARG A 552 -23.04 17.18 8.53
CA ARG A 552 -23.41 18.57 8.29
C ARG A 552 -24.87 18.67 7.84
N ASP A 553 -25.21 19.85 7.32
CA ASP A 553 -26.56 20.09 6.83
C ASP A 553 -26.78 19.40 5.49
N ASP A 554 -28.05 19.38 5.07
CA ASP A 554 -28.42 18.75 3.81
C ASP A 554 -28.16 19.62 2.60
N ALA A 555 -27.70 20.86 2.79
CA ALA A 555 -27.43 21.74 1.66
C ALA A 555 -26.19 21.31 0.89
N CYS A 556 -25.18 20.78 1.58
CA CYS A 556 -23.95 20.37 0.93
C CYS A 556 -23.76 18.85 0.88
N THR A 557 -24.83 18.08 1.06
CA THR A 557 -24.82 16.67 0.65
C THR A 557 -25.04 16.57 -0.86
N ARG A 558 -25.92 17.43 -1.40
CA ARG A 558 -26.12 17.53 -2.84
C ARG A 558 -24.87 18.08 -3.54
N LYS A 559 -24.14 18.96 -2.86
CA LYS A 559 -22.85 19.42 -3.39
C LYS A 559 -21.79 18.33 -3.34
N PHE A 560 -21.89 17.41 -2.38
CA PHE A 560 -21.02 16.23 -2.38
C PHE A 560 -21.35 15.28 -3.53
N TYR A 561 -22.64 15.15 -3.86
CA TYR A 561 -23.06 14.36 -5.03
C TYR A 561 -22.60 15.03 -6.32
N PHE A 562 -22.63 16.37 -6.34
CA PHE A 562 -22.06 17.13 -7.45
C PHE A 562 -20.56 16.91 -7.57
N PHE A 563 -19.86 16.84 -6.44
CA PHE A 563 -18.41 16.59 -6.42
C PHE A 563 -18.07 15.21 -6.96
N VAL A 564 -18.83 14.18 -6.58
CA VAL A 564 -18.50 12.85 -7.08
C VAL A 564 -18.93 12.69 -8.55
N ALA A 565 -19.96 13.42 -8.99
CA ALA A 565 -20.34 13.38 -10.41
C ALA A 565 -19.31 14.08 -11.30
N ILE A 566 -18.81 15.24 -10.86
CA ILE A 566 -17.77 15.95 -11.60
C ILE A 566 -16.43 15.20 -11.51
N GLN A 567 -16.18 14.46 -10.42
CA GLN A 567 -14.99 13.62 -10.35
C GLN A 567 -15.07 12.43 -11.30
N VAL A 568 -16.27 11.86 -11.48
CA VAL A 568 -16.49 10.82 -12.48
C VAL A 568 -16.26 11.35 -13.90
N LEU A 569 -16.73 12.58 -14.16
CA LEU A 569 -16.50 13.22 -15.46
C LEU A 569 -15.02 13.55 -15.71
N ASN A 570 -14.32 14.02 -14.67
CA ASN A 570 -12.90 14.33 -14.80
C ASN A 570 -12.06 13.08 -14.99
N LEU A 571 -12.43 11.98 -14.33
CA LEU A 571 -11.68 10.74 -14.50
C LEU A 571 -11.98 10.11 -15.86
N PHE A 572 -13.20 10.34 -16.37
CA PHE A 572 -13.54 9.89 -17.73
C PHE A 572 -12.77 10.68 -18.79
N PHE A 573 -12.62 11.99 -18.61
CA PHE A 573 -11.82 12.76 -19.56
C PHE A 573 -10.33 12.52 -19.40
N SER A 574 -9.86 12.13 -18.20
CA SER A 574 -8.48 11.71 -18.04
C SER A 574 -8.24 10.37 -18.72
N ALA A 575 -9.25 9.49 -18.72
CA ALA A 575 -9.15 8.24 -19.45
C ALA A 575 -9.21 8.46 -20.96
N LEU A 576 -9.96 9.47 -21.41
CA LEU A 576 -9.93 9.84 -22.82
C LEU A 576 -8.62 10.50 -23.21
N GLY A 577 -7.93 11.13 -22.25
CA GLY A 577 -6.56 11.55 -22.44
C GLY A 577 -5.68 10.33 -22.63
N GLY A 578 -5.50 9.54 -21.57
CA GLY A 578 -5.19 8.13 -21.61
C GLY A 578 -4.00 7.62 -22.40
N THR A 579 -4.30 6.91 -23.48
CA THR A 579 -3.31 6.25 -24.32
C THR A 579 -2.54 7.21 -25.23
N SER A 580 -2.96 8.47 -25.33
CA SER A 580 -2.30 9.43 -26.20
C SER A 580 -0.91 9.79 -25.71
N HIS A 581 -0.72 9.78 -24.38
CA HIS A 581 0.59 10.06 -23.78
C HIS A 581 1.62 9.00 -24.16
N VAL A 582 1.20 7.73 -24.18
CA VAL A 582 2.07 6.66 -24.65
C VAL A 582 2.19 6.70 -26.18
N MET A 583 1.11 7.06 -26.87
CA MET A 583 1.02 6.92 -28.33
C MET A 583 1.85 7.98 -29.05
N LEU A 584 2.04 9.15 -28.42
CA LEU A 584 2.77 10.25 -29.06
C LEU A 584 4.28 10.03 -29.05
N ILE A 585 4.79 9.30 -28.05
CA ILE A 585 6.23 9.16 -27.81
C ILE A 585 6.91 8.39 -28.93
N VAL A 586 6.23 7.35 -29.44
CA VAL A 586 6.80 6.55 -30.51
C VAL A 586 6.73 7.26 -31.87
N LYS A 587 5.99 8.35 -31.98
CA LYS A 587 5.99 9.17 -33.18
C LYS A 587 6.90 10.40 -33.07
N ILE A 588 7.24 10.83 -31.87
CA ILE A 588 8.19 11.94 -31.72
C ILE A 588 9.62 11.47 -32.03
N VAL A 589 10.08 10.45 -31.32
CA VAL A 589 11.47 10.02 -31.36
C VAL A 589 11.74 9.15 -32.58
N GLN A 590 13.02 8.83 -32.80
CA GLN A 590 13.46 8.00 -33.91
C GLN A 590 12.92 6.58 -33.78
N PRO A 591 12.70 5.87 -34.90
CA PRO A 591 12.19 4.49 -34.82
C PRO A 591 13.18 3.47 -34.27
N GLU A 592 14.47 3.79 -34.21
CA GLU A 592 15.44 2.89 -33.61
C GLU A 592 15.53 3.06 -32.09
N LEU A 593 14.88 4.07 -31.53
CA LEU A 593 15.03 4.40 -30.11
C LEU A 593 13.68 4.63 -29.44
N LYS A 594 12.67 3.83 -29.79
CA LYS A 594 11.35 3.97 -29.18
C LYS A 594 11.35 3.43 -27.75
N SER A 595 12.05 2.31 -27.54
CA SER A 595 12.04 1.66 -26.24
C SER A 595 12.86 2.44 -25.22
N LEU A 596 13.94 3.09 -25.66
CA LEU A 596 14.74 3.92 -24.78
C LEU A 596 13.97 5.17 -24.36
N ALA A 597 13.19 5.74 -25.29
CA ALA A 597 12.33 6.87 -24.97
C ALA A 597 11.22 6.48 -24.01
N LEU A 598 10.64 5.29 -24.19
CA LEU A 598 9.62 4.80 -23.27
C LEU A 598 10.21 4.48 -21.89
N GLY A 599 11.44 3.98 -21.85
CA GLY A 599 12.10 3.73 -20.58
C GLY A 599 12.45 4.99 -19.82
N PHE A 600 12.94 6.01 -20.52
CA PHE A 600 13.26 7.29 -19.86
C PHE A 600 12.01 8.04 -19.43
N HIS A 601 10.94 7.94 -20.22
CA HIS A 601 9.65 8.50 -19.82
C HIS A 601 9.08 7.77 -18.62
N SER A 602 9.31 6.44 -18.55
CA SER A 602 8.91 5.67 -17.37
C SER A 602 9.74 6.06 -16.14
N MET A 603 11.03 6.40 -16.34
CA MET A 603 11.87 6.90 -15.25
C MET A 603 11.34 8.20 -14.67
N VAL A 604 10.99 9.16 -15.54
CA VAL A 604 10.53 10.45 -15.05
C VAL A 604 9.13 10.35 -14.45
N ILE A 605 8.25 9.55 -15.06
CA ILE A 605 6.88 9.42 -14.58
C ILE A 605 6.81 8.63 -13.28
N ARG A 606 7.51 7.50 -13.19
CA ARG A 606 7.51 6.69 -11.98
C ARG A 606 8.37 7.27 -10.86
N ALA A 607 9.41 8.04 -11.20
CA ALA A 607 10.37 8.51 -10.21
C ALA A 607 9.96 9.84 -9.58
N LEU A 608 9.84 10.89 -10.38
CA LEU A 608 9.51 12.21 -9.86
C LEU A 608 8.02 12.42 -9.70
N GLY A 609 7.20 11.52 -10.24
CA GLY A 609 5.77 11.61 -10.05
C GLY A 609 5.26 10.63 -9.02
N GLY A 610 5.76 9.39 -9.07
CA GLY A 610 5.28 8.36 -8.18
C GLY A 610 5.77 8.48 -6.75
N ILE A 611 6.89 9.15 -6.52
CA ILE A 611 7.54 9.19 -5.21
C ILE A 611 7.49 10.58 -4.60
N LEU A 612 8.11 11.57 -5.25
CA LEU A 612 8.30 12.87 -4.62
C LEU A 612 7.03 13.72 -4.64
N ALA A 613 6.14 13.45 -5.59
CA ALA A 613 4.90 14.22 -5.66
C ALA A 613 3.91 13.90 -4.53
N PRO A 614 3.71 12.64 -4.05
CA PRO A 614 3.01 12.48 -2.76
C PRO A 614 3.71 13.12 -1.57
N ILE A 615 5.04 13.28 -1.61
CA ILE A 615 5.75 13.95 -0.53
C ILE A 615 5.44 15.45 -0.50
N TYR A 616 5.46 16.12 -1.67
CA TYR A 616 5.21 17.57 -1.59
C TYR A 616 3.72 17.92 -1.53
N PHE A 617 2.82 17.10 -2.12
CA PHE A 617 1.40 17.26 -1.80
C PHE A 617 1.09 16.93 -0.33
N GLY A 618 1.83 15.99 0.27
CA GLY A 618 1.67 15.74 1.69
C GLY A 618 2.15 16.89 2.56
N ALA A 619 3.22 17.56 2.14
CA ALA A 619 3.72 18.72 2.86
C ALA A 619 2.76 19.91 2.75
N LEU A 620 2.29 20.20 1.53
CA LEU A 620 1.36 21.32 1.35
C LEU A 620 -0.06 21.01 1.83
N ILE A 621 -0.38 19.75 2.11
CA ILE A 621 -1.66 19.45 2.75
C ILE A 621 -1.53 19.44 4.28
N ASP A 622 -0.46 18.84 4.83
CA ASP A 622 -0.30 18.78 6.28
C ASP A 622 0.30 20.06 6.86
N THR A 623 0.59 21.07 6.04
CA THR A 623 0.87 22.39 6.62
C THR A 623 -0.39 23.11 7.09
N THR A 624 -1.57 22.63 6.72
CA THR A 624 -2.83 23.23 7.13
C THR A 624 -3.59 22.38 8.16
N CYS A 625 -2.88 21.60 8.97
CA CYS A 625 -3.53 20.89 10.06
C CYS A 625 -3.92 21.86 11.15
N ILE A 626 -5.01 21.54 11.85
CA ILE A 626 -5.50 22.39 12.93
C ILE A 626 -5.41 21.70 14.30
N LYS A 627 -5.41 20.37 14.34
CA LYS A 627 -5.25 19.64 15.59
C LYS A 627 -4.20 18.56 15.38
N TRP A 628 -2.99 18.80 15.87
CA TRP A 628 -1.89 17.85 15.74
C TRP A 628 -2.00 16.80 16.83
N SER A 629 -1.78 15.53 16.47
CA SER A 629 -1.87 14.44 17.42
C SER A 629 -0.50 14.18 18.03
N THR A 630 -0.45 14.10 19.36
CA THR A 630 0.79 13.76 20.06
C THR A 630 0.96 12.24 20.05
N ASN A 631 1.94 11.76 19.27
CA ASN A 631 2.15 10.34 19.13
C ASN A 631 2.88 9.78 20.36
N ASN A 632 2.84 8.45 20.49
CA ASN A 632 3.47 7.80 21.64
C ASN A 632 4.98 7.76 21.50
N CYS A 633 5.49 7.68 20.27
CA CYS A 633 6.92 7.57 20.03
C CYS A 633 7.60 8.92 19.87
N GLY A 634 7.17 9.73 18.92
CA GLY A 634 7.79 11.01 18.65
C GLY A 634 6.91 11.88 17.79
N THR A 635 7.53 12.55 16.82
CA THR A 635 6.82 13.43 15.91
C THR A 635 6.26 12.63 14.74
N ARG A 636 5.79 13.36 13.72
CA ARG A 636 5.04 12.86 12.54
C ARG A 636 3.83 12.03 12.97
N GLY A 637 2.92 12.65 13.71
CA GLY A 637 1.62 12.05 13.95
C GLY A 637 0.60 12.57 12.94
N SER A 638 -0.39 11.73 12.65
CA SER A 638 -1.44 12.13 11.72
C SER A 638 -2.38 13.11 12.40
N CYS A 639 -2.53 14.29 11.81
CA CYS A 639 -3.43 15.29 12.38
C CYS A 639 -4.88 14.90 12.10
N ARG A 640 -5.74 15.19 13.08
CA ARG A 640 -7.08 14.60 13.08
C ARG A 640 -8.04 15.38 12.18
N THR A 641 -8.12 16.69 12.38
CA THR A 641 -8.97 17.55 11.56
C THR A 641 -8.14 18.62 10.89
N TYR A 642 -8.73 19.28 9.90
CA TYR A 642 -8.09 20.28 9.09
C TYR A 642 -8.88 21.59 9.15
N ASN A 643 -8.32 22.65 8.59
CA ASN A 643 -9.05 23.87 8.28
C ASN A 643 -9.54 23.73 6.85
N SER A 644 -10.85 23.49 6.70
CA SER A 644 -11.40 22.88 5.48
C SER A 644 -11.35 23.83 4.29
N THR A 645 -11.58 25.13 4.53
CA THR A 645 -11.47 26.09 3.43
C THR A 645 -10.01 26.33 3.04
N SER A 646 -9.09 26.35 4.01
CA SER A 646 -7.68 26.55 3.71
C SER A 646 -7.07 25.31 3.05
N PHE A 647 -7.44 24.12 3.54
CA PHE A 647 -6.97 22.87 2.94
C PHE A 647 -7.58 22.66 1.57
N SER A 648 -8.84 23.08 1.39
CA SER A 648 -9.47 23.07 0.07
C SER A 648 -8.78 24.02 -0.90
N ARG A 649 -8.39 25.20 -0.40
CA ARG A 649 -7.72 26.20 -1.22
C ARG A 649 -6.34 25.73 -1.67
N VAL A 650 -5.55 25.15 -0.75
CA VAL A 650 -4.20 24.73 -1.12
C VAL A 650 -4.23 23.45 -1.96
N TYR A 651 -5.18 22.54 -1.68
CA TYR A 651 -5.24 21.26 -2.40
C TYR A 651 -5.79 21.44 -3.80
N LEU A 652 -6.76 22.34 -3.97
CA LEU A 652 -7.20 22.67 -5.32
C LEU A 652 -6.21 23.58 -6.03
N GLY A 653 -5.52 24.45 -5.29
CA GLY A 653 -4.67 25.45 -5.92
C GLY A 653 -3.39 24.90 -6.49
N LEU A 654 -2.74 23.97 -5.78
CA LEU A 654 -1.48 23.41 -6.26
C LEU A 654 -1.71 22.50 -7.47
N SER A 655 -2.76 21.69 -7.43
CA SER A 655 -3.11 20.82 -8.55
C SER A 655 -3.64 21.63 -9.74
N SER A 656 -4.38 22.72 -9.48
CA SER A 656 -4.90 23.55 -10.56
C SER A 656 -3.81 24.35 -11.24
N MET A 657 -2.85 24.87 -10.46
CA MET A 657 -1.74 25.61 -11.06
C MET A 657 -0.80 24.67 -11.80
N LEU A 658 -0.66 23.43 -11.31
CA LEU A 658 0.14 22.43 -12.00
C LEU A 658 -0.49 22.03 -13.33
N ARG A 659 -1.83 21.87 -13.35
CA ARG A 659 -2.53 21.54 -14.59
C ARG A 659 -2.58 22.73 -15.55
N VAL A 660 -2.64 23.96 -15.05
CA VAL A 660 -2.59 25.15 -15.90
C VAL A 660 -1.22 25.30 -16.56
N SER A 661 -0.14 25.06 -15.80
CA SER A 661 1.21 25.11 -16.37
C SER A 661 1.45 23.96 -17.35
N SER A 662 0.85 22.80 -17.08
CA SER A 662 0.91 21.69 -18.03
C SER A 662 0.13 22.00 -19.32
N LEU A 663 -0.99 22.71 -19.21
CA LEU A 663 -1.76 23.08 -20.39
C LEU A 663 -1.06 24.16 -21.20
N VAL A 664 -0.35 25.07 -20.52
CA VAL A 664 0.52 26.05 -21.17
C VAL A 664 1.64 25.35 -21.93
N LEU A 665 2.18 24.28 -21.34
CA LEU A 665 3.21 23.51 -22.05
C LEU A 665 2.63 22.67 -23.20
N TYR A 666 1.34 22.28 -23.13
CA TYR A 666 0.65 21.79 -24.33
C TYR A 666 0.55 22.85 -25.42
N ILE A 667 0.21 24.10 -25.07
CA ILE A 667 0.05 25.15 -26.10
C ILE A 667 1.38 25.48 -26.77
N ILE A 668 2.47 25.50 -25.98
CA ILE A 668 3.81 25.66 -26.51
C ILE A 668 4.22 24.45 -27.36
N LEU A 669 3.78 23.24 -26.95
CA LEU A 669 4.10 22.02 -27.69
C LEU A 669 3.37 21.96 -29.03
N ILE A 670 2.08 22.36 -29.06
CA ILE A 670 1.31 22.42 -30.32
C ILE A 670 1.89 23.47 -31.26
N TYR A 671 2.29 24.63 -30.73
CA TYR A 671 2.82 25.70 -31.58
C TYR A 671 4.19 25.33 -32.17
N ALA A 672 5.10 24.80 -31.34
CA ALA A 672 6.40 24.39 -31.84
C ALA A 672 6.32 23.11 -32.67
N MET A 673 5.32 22.28 -32.43
CA MET A 673 5.20 21.00 -33.11
C MET A 673 4.55 21.18 -34.48
N LYS A 674 3.67 22.18 -34.60
CA LYS A 674 3.17 22.59 -35.91
C LYS A 674 4.22 23.40 -36.67
N LYS A 675 5.11 24.09 -35.94
CA LYS A 675 6.25 24.73 -36.58
C LYS A 675 7.23 23.71 -37.15
N LYS A 676 7.44 22.60 -36.44
CA LYS A 676 8.32 21.55 -36.93
C LYS A 676 7.68 20.76 -38.07
N TYR A 677 6.39 20.45 -37.95
CA TYR A 677 5.70 19.65 -38.97
C TYR A 677 5.04 20.54 -40.01
N GLY B 1 19.20 -32.05 -1.35
CA GLY B 1 18.64 -32.78 -0.21
C GLY B 1 17.61 -33.80 -0.60
N SER B 2 18.07 -35.01 -0.94
CA SER B 2 17.19 -36.10 -1.34
C SER B 2 16.74 -36.84 -0.09
N SER B 3 15.63 -36.38 0.50
CA SER B 3 15.10 -36.96 1.72
C SER B 3 13.59 -37.03 1.63
N SER B 4 12.99 -37.79 2.54
CA SER B 4 11.54 -37.94 2.60
C SER B 4 10.90 -36.87 3.48
N GLN B 5 11.34 -36.78 4.74
CA GLN B 5 10.84 -35.78 5.67
C GLN B 5 11.92 -35.47 6.69
N VAL B 6 11.61 -34.56 7.61
CA VAL B 6 12.55 -34.18 8.65
C VAL B 6 12.29 -35.00 9.91
N GLN B 7 13.31 -35.70 10.39
CA GLN B 7 13.26 -36.42 11.65
C GLN B 7 13.92 -35.57 12.72
N LEU B 8 13.19 -35.35 13.82
CA LEU B 8 13.68 -34.59 14.96
C LEU B 8 13.85 -35.52 16.14
N VAL B 9 15.08 -35.58 16.68
CA VAL B 9 15.37 -36.35 17.87
C VAL B 9 16.08 -35.43 18.86
N GLU B 10 15.66 -35.50 20.13
CA GLU B 10 16.27 -34.65 21.15
C GLU B 10 16.98 -35.51 22.19
N SER B 11 17.88 -34.88 22.93
CA SER B 11 18.71 -35.57 23.90
C SER B 11 19.04 -34.64 25.05
N GLY B 12 19.41 -35.23 26.18
CA GLY B 12 19.76 -34.49 27.37
C GLY B 12 18.69 -34.39 28.43
N GLY B 13 17.53 -35.00 28.22
CA GLY B 13 16.50 -34.98 29.24
C GLY B 13 16.82 -35.91 30.39
N GLY B 14 16.26 -35.58 31.55
CA GLY B 14 16.52 -36.37 32.74
C GLY B 14 15.98 -35.68 33.98
N LEU B 15 16.48 -36.14 35.12
CA LEU B 15 16.05 -35.61 36.40
C LEU B 15 17.05 -34.61 36.95
N VAL B 16 16.54 -33.48 37.43
CA VAL B 16 17.36 -32.44 38.05
C VAL B 16 16.80 -32.16 39.44
N GLN B 17 17.65 -31.60 40.29
CA GLN B 17 17.30 -31.32 41.67
C GLN B 17 17.50 -29.84 41.97
N ALA B 18 16.45 -29.23 42.56
CA ALA B 18 16.37 -27.82 42.98
C ALA B 18 16.66 -26.86 41.83
N GLY B 19 17.26 -25.71 42.14
CA GLY B 19 17.64 -24.76 41.11
C GLY B 19 18.97 -25.09 40.47
N GLY B 20 19.01 -26.17 39.69
CA GLY B 20 20.22 -26.63 39.05
C GLY B 20 20.35 -26.16 37.62
N SER B 21 20.99 -26.99 36.80
CA SER B 21 21.20 -26.66 35.40
C SER B 21 21.03 -27.91 34.55
N LEU B 22 20.69 -27.69 33.29
CA LEU B 22 20.43 -28.79 32.37
C LEU B 22 20.75 -28.31 30.96
N ARG B 23 21.06 -29.27 30.08
CA ARG B 23 21.59 -29.00 28.74
C ARG B 23 20.86 -29.94 27.77
N LEU B 24 19.94 -29.37 27.00
CA LEU B 24 19.18 -30.12 26.01
C LEU B 24 19.74 -29.86 24.61
N SER B 25 19.56 -30.83 23.72
CA SER B 25 19.97 -30.68 22.34
C SER B 25 18.94 -31.32 21.42
N CYS B 26 18.84 -30.80 20.21
CA CYS B 26 17.94 -31.38 19.21
C CYS B 26 18.60 -31.33 17.85
N ALA B 27 18.82 -32.50 17.26
CA ALA B 27 19.43 -32.64 15.95
C ALA B 27 18.36 -33.00 14.92
N ALA B 28 18.49 -32.43 13.73
CA ALA B 28 17.52 -32.64 12.66
C ALA B 28 18.17 -33.43 11.53
N SER B 29 17.43 -34.40 10.99
CA SER B 29 17.93 -35.21 9.89
C SER B 29 16.96 -35.13 8.72
N GLY B 30 17.48 -34.96 7.51
CA GLY B 30 16.65 -34.95 6.33
C GLY B 30 16.84 -33.73 5.46
N PHE B 31 15.79 -32.92 5.33
CA PHE B 31 15.88 -31.65 4.64
C PHE B 31 16.73 -30.67 5.45
N PRO B 32 17.44 -29.75 4.78
CA PRO B 32 18.27 -28.78 5.52
C PRO B 32 17.42 -27.77 6.28
N VAL B 33 17.72 -27.64 7.57
CA VAL B 33 16.93 -26.82 8.49
C VAL B 33 17.67 -25.52 8.77
N ASN B 34 18.60 -25.17 7.86
CA ASN B 34 19.48 -24.02 8.08
C ASN B 34 18.74 -22.70 7.92
N LEU B 35 17.76 -22.64 7.01
CA LEU B 35 16.99 -21.42 6.82
C LEU B 35 15.85 -21.28 7.81
N SER B 36 15.51 -22.33 8.54
CA SER B 36 14.29 -22.38 9.35
C SER B 36 14.55 -21.85 10.75
N TYR B 37 13.60 -21.08 11.28
CA TYR B 37 13.53 -20.84 12.70
C TYR B 37 13.26 -22.17 13.41
N MET B 38 13.92 -22.40 14.54
CA MET B 38 13.74 -23.66 15.26
C MET B 38 13.27 -23.35 16.67
N HIS B 39 12.19 -24.01 17.07
CA HIS B 39 11.45 -23.64 18.27
C HIS B 39 11.51 -24.75 19.31
N TRP B 40 11.32 -24.35 20.57
CA TRP B 40 11.26 -25.25 21.71
C TRP B 40 10.01 -24.92 22.52
N TYR B 41 9.06 -25.85 22.54
CA TYR B 41 7.83 -25.73 23.33
C TYR B 41 7.89 -26.59 24.58
N ARG B 42 6.88 -26.42 25.42
CA ARG B 42 6.76 -27.14 26.68
C ARG B 42 5.35 -27.70 26.79
N GLN B 43 5.24 -28.98 27.14
CA GLN B 43 3.97 -29.63 27.44
C GLN B 43 3.99 -30.07 28.89
N ALA B 44 3.23 -29.38 29.73
CA ALA B 44 3.01 -29.80 31.10
C ALA B 44 1.92 -30.87 31.14
N PRO B 45 1.89 -31.69 32.19
CA PRO B 45 0.72 -32.57 32.40
C PRO B 45 -0.54 -31.76 32.70
N GLY B 46 -1.51 -31.85 31.79
CA GLY B 46 -2.77 -31.17 31.99
C GLY B 46 -2.90 -29.81 31.34
N LYS B 47 -1.89 -29.39 30.58
CA LYS B 47 -1.96 -28.10 29.88
C LYS B 47 -1.49 -28.28 28.44
N GLU B 48 -1.68 -27.22 27.66
CA GLU B 48 -1.35 -27.26 26.23
C GLU B 48 0.12 -26.92 26.02
N ARG B 49 0.49 -26.69 24.76
CA ARG B 49 1.87 -26.42 24.38
C ARG B 49 2.23 -24.98 24.70
N GLU B 50 2.94 -24.78 25.82
CA GLU B 50 3.45 -23.46 26.17
C GLU B 50 4.75 -23.19 25.42
N TRP B 51 4.83 -22.05 24.76
CA TRP B 51 6.02 -21.69 23.99
C TRP B 51 7.11 -21.16 24.91
N VAL B 52 8.34 -21.64 24.70
CA VAL B 52 9.47 -21.28 25.54
C VAL B 52 10.54 -20.54 24.75
N ALA B 53 11.09 -21.17 23.71
CA ALA B 53 12.28 -20.61 23.08
C ALA B 53 12.16 -20.70 21.56
N ALA B 54 12.92 -19.84 20.89
CA ALA B 54 13.01 -19.87 19.44
C ALA B 54 14.40 -19.36 19.04
N ILE B 55 14.93 -19.91 17.96
CA ILE B 55 16.26 -19.54 17.47
C ILE B 55 16.15 -19.31 15.96
N SER B 56 16.99 -18.43 15.44
CA SER B 56 16.88 -17.96 14.07
C SER B 56 17.63 -18.88 13.12
N SER B 57 17.80 -18.45 11.87
CA SER B 57 18.49 -19.23 10.86
C SER B 57 19.99 -19.31 11.15
N TRP B 58 20.62 -18.17 11.43
CA TRP B 58 22.01 -18.13 11.84
C TRP B 58 22.17 -17.91 13.34
N GLY B 59 21.08 -17.92 14.10
CA GLY B 59 21.14 -17.61 15.51
C GLY B 59 21.29 -16.14 15.82
N TRP B 60 20.94 -15.26 14.88
CA TRP B 60 21.13 -13.82 15.08
C TRP B 60 20.09 -13.26 16.04
N HIS B 61 18.83 -13.68 15.89
CA HIS B 61 17.73 -13.14 16.69
C HIS B 61 17.17 -14.25 17.56
N THR B 62 17.09 -13.98 18.86
CA THR B 62 16.62 -14.95 19.85
C THR B 62 15.31 -14.46 20.45
N GLU B 63 14.31 -15.33 20.48
CA GLU B 63 13.05 -15.04 21.15
C GLU B 63 12.91 -15.92 22.39
N TYR B 64 12.52 -15.29 23.49
CA TYR B 64 12.35 -15.95 24.79
C TYR B 64 10.95 -15.69 25.31
N ALA B 65 10.47 -16.59 26.16
CA ALA B 65 9.19 -16.37 26.82
C ALA B 65 9.33 -15.34 27.93
N ASP B 66 8.22 -14.69 28.27
CA ASP B 66 8.23 -13.71 29.35
C ASP B 66 8.27 -14.40 30.71
N SER B 67 7.78 -15.64 30.81
CA SER B 67 7.84 -16.37 32.06
C SER B 67 9.25 -16.87 32.36
N VAL B 68 9.99 -17.30 31.32
CA VAL B 68 11.38 -17.72 31.46
C VAL B 68 12.27 -16.79 30.63
N LYS B 69 12.77 -15.74 31.26
CA LYS B 69 13.54 -14.69 30.59
C LYS B 69 14.79 -14.39 31.41
N GLY B 70 15.95 -14.46 30.77
CA GLY B 70 17.21 -14.16 31.40
C GLY B 70 17.95 -15.36 31.96
N ARG B 71 17.28 -16.49 32.09
CA ARG B 71 17.93 -17.70 32.60
C ARG B 71 18.07 -18.80 31.56
N PHE B 72 17.24 -18.79 30.52
CA PHE B 72 17.36 -19.78 29.47
C PHE B 72 18.34 -19.28 28.40
N THR B 73 18.83 -20.22 27.59
CA THR B 73 19.79 -19.87 26.54
C THR B 73 19.59 -20.86 25.39
N ILE B 74 19.41 -20.34 24.18
CA ILE B 74 19.27 -21.19 23.00
C ILE B 74 20.30 -20.78 21.96
N SER B 75 20.91 -21.77 21.31
CA SER B 75 21.98 -21.52 20.34
C SER B 75 21.90 -22.57 19.24
N ARG B 76 22.70 -22.35 18.20
CA ARG B 76 22.73 -23.22 17.03
C ARG B 76 24.08 -23.93 16.94
N ASP B 77 24.12 -24.96 16.09
CA ASP B 77 25.38 -25.54 15.63
C ASP B 77 25.12 -25.98 14.19
N ASN B 78 25.67 -25.23 13.23
CA ASN B 78 25.36 -25.45 11.83
C ASN B 78 26.08 -26.66 11.26
N ALA B 79 27.33 -26.90 11.68
CA ALA B 79 28.09 -28.04 11.18
C ALA B 79 27.57 -29.34 11.77
N LYS B 80 27.32 -29.35 13.08
CA LYS B 80 26.65 -30.46 13.74
C LYS B 80 25.16 -30.49 13.42
N ASN B 81 24.58 -29.32 13.07
CA ASN B 81 23.17 -29.08 12.75
C ASN B 81 22.27 -29.51 13.90
N THR B 82 22.51 -28.90 15.05
CA THR B 82 21.86 -29.24 16.31
C THR B 82 21.64 -27.95 17.09
N VAL B 83 20.42 -27.77 17.61
CA VAL B 83 20.13 -26.63 18.46
C VAL B 83 20.40 -27.02 19.91
N TYR B 84 20.86 -26.06 20.70
CA TYR B 84 21.31 -26.25 22.06
C TYR B 84 20.45 -25.39 22.99
N LEU B 85 20.05 -25.97 24.12
CA LEU B 85 19.21 -25.29 25.10
C LEU B 85 19.85 -25.43 26.48
N GLN B 86 20.62 -24.41 26.88
CA GLN B 86 21.07 -24.31 28.26
C GLN B 86 19.93 -23.79 29.11
N MET B 87 19.79 -24.36 30.31
CA MET B 87 18.67 -24.05 31.20
C MET B 87 19.18 -24.01 32.62
N ASN B 88 19.19 -22.82 33.22
CA ASN B 88 19.82 -22.60 34.52
C ASN B 88 18.83 -21.94 35.47
N SER B 89 19.12 -22.08 36.78
CA SER B 89 18.39 -21.49 37.92
C SER B 89 16.92 -21.93 37.92
N LEU B 90 16.75 -23.23 38.13
CA LEU B 90 15.49 -23.91 37.92
C LEU B 90 14.46 -23.60 39.01
N LYS B 91 13.20 -23.79 38.64
CA LYS B 91 12.03 -23.69 39.48
C LYS B 91 11.22 -24.98 39.37
N PRO B 92 10.36 -25.29 40.36
CA PRO B 92 9.49 -26.48 40.23
C PRO B 92 8.37 -26.35 39.20
N GLU B 93 8.15 -25.16 38.61
CA GLU B 93 7.11 -25.01 37.60
C GLU B 93 7.52 -25.56 36.24
N ASP B 94 8.80 -25.92 36.06
CA ASP B 94 9.29 -26.44 34.79
C ASP B 94 9.16 -27.95 34.67
N THR B 95 8.38 -28.61 35.52
CA THR B 95 8.18 -30.04 35.45
C THR B 95 7.25 -30.35 34.27
N ALA B 96 7.84 -30.74 33.15
CA ALA B 96 7.13 -30.87 31.88
C ALA B 96 7.96 -31.73 30.95
N VAL B 97 7.47 -31.89 29.71
CA VAL B 97 8.24 -32.50 28.63
C VAL B 97 8.50 -31.41 27.59
N TYR B 98 9.71 -31.39 27.04
CA TYR B 98 10.16 -30.29 26.19
C TYR B 98 10.22 -30.78 24.74
N TYR B 99 9.59 -30.03 23.84
CA TYR B 99 9.41 -30.46 22.46
C TYR B 99 10.19 -29.56 21.50
N CYS B 100 10.69 -30.19 20.44
CA CYS B 100 11.53 -29.56 19.43
C CYS B 100 10.74 -29.41 18.14
N HIS B 101 10.84 -28.26 17.49
CA HIS B 101 9.97 -27.93 16.36
C HIS B 101 10.75 -27.25 15.24
N VAL B 102 10.48 -27.67 14.00
CA VAL B 102 11.03 -27.07 12.80
C VAL B 102 9.91 -27.04 11.77
N ARG B 103 10.01 -26.13 10.82
CA ARG B 103 9.02 -25.95 9.76
C ARG B 103 9.71 -25.86 8.40
N VAL B 104 10.45 -26.90 8.03
CA VAL B 104 10.87 -26.96 6.63
C VAL B 104 9.66 -27.40 5.81
N GLY B 105 8.96 -26.43 5.23
CA GLY B 105 7.77 -26.71 4.44
C GLY B 105 6.54 -26.99 5.28
N ARG B 106 6.50 -28.17 5.90
CA ARG B 106 5.41 -28.59 6.76
C ARG B 106 5.88 -28.50 8.21
N SER B 107 4.94 -28.44 9.15
CA SER B 107 5.29 -28.43 10.56
C SER B 107 5.79 -29.80 11.00
N TYR B 108 6.83 -29.80 11.83
CA TYR B 108 7.46 -31.03 12.29
C TYR B 108 7.69 -30.92 13.79
N PHE B 109 7.40 -31.98 14.53
CA PHE B 109 7.62 -32.00 15.97
C PHE B 109 8.48 -33.19 16.35
N GLY B 110 8.98 -33.15 17.60
CA GLY B 110 9.87 -34.17 18.10
C GLY B 110 9.18 -35.12 19.08
N GLN B 111 9.99 -36.00 19.66
CA GLN B 111 9.47 -36.98 20.61
C GLN B 111 9.42 -36.42 22.02
N GLY B 112 10.56 -35.99 22.55
CA GLY B 112 10.62 -35.36 23.83
C GLY B 112 10.73 -36.36 24.98
N THR B 113 11.63 -36.08 25.91
CA THR B 113 11.78 -36.87 27.12
C THR B 113 11.56 -35.96 28.33
N GLN B 114 11.38 -36.57 29.50
CA GLN B 114 10.93 -35.85 30.68
C GLN B 114 12.05 -34.98 31.26
N VAL B 115 11.70 -33.72 31.54
CA VAL B 115 12.64 -32.69 31.98
C VAL B 115 12.08 -32.38 33.39
N SER B 116 11.64 -33.44 34.07
CA SER B 116 11.13 -33.32 35.43
C SER B 116 12.21 -32.89 36.41
N VAL B 117 11.87 -31.93 37.27
CA VAL B 117 12.80 -31.36 38.23
C VAL B 117 12.30 -31.67 39.63
N SER B 118 13.20 -31.61 40.61
CA SER B 118 12.83 -31.86 41.99
C SER B 118 12.64 -30.54 42.75
N ALA B 119 11.91 -30.61 43.84
CA ALA B 119 11.66 -29.45 44.68
C ALA B 119 12.60 -29.47 45.89
N GLY B 120 13.38 -28.41 46.04
CA GLY B 120 14.32 -28.32 47.14
C GLY B 120 14.68 -26.89 47.51
N DAL C 1 -7.21 3.24 -10.17
CA DAL C 1 -8.56 3.39 -10.69
CB DAL C 1 -8.59 4.09 -12.05
C DAL C 1 -9.62 4.04 -9.77
O DAL C 1 -10.80 3.91 -10.08
N MLE C 2 -9.25 4.76 -8.69
CN MLE C 2 -8.54 6.03 -8.85
CA MLE C 2 -9.74 4.39 -7.35
CB MLE C 2 -9.80 2.87 -7.11
CG MLE C 2 -11.00 2.42 -6.28
CD1 MLE C 2 -10.57 1.66 -5.04
CD2 MLE C 2 -11.94 1.57 -7.11
C MLE C 2 -9.13 5.21 -6.20
O MLE C 2 -9.74 6.20 -5.82
N MLE C 3 -8.01 4.81 -5.56
CN MLE C 3 -8.33 4.54 -4.16
CA MLE C 3 -6.57 4.76 -5.91
CB MLE C 3 -6.18 3.60 -6.84
CG MLE C 3 -5.60 2.38 -6.15
CD1 MLE C 3 -6.66 1.49 -5.55
CD2 MLE C 3 -4.71 1.59 -7.08
C MLE C 3 -6.04 6.16 -6.25
O MLE C 3 -6.73 7.13 -5.97
N MVA C 4 -4.82 6.32 -6.81
CN MVA C 4 -4.92 6.78 -8.20
CA MVA C 4 -3.47 6.27 -6.22
CB MVA C 4 -3.31 6.74 -4.70
CG1 MVA C 4 -1.85 7.05 -4.41
CG2 MVA C 4 -3.90 5.90 -3.55
C MVA C 4 -2.70 4.99 -6.59
O MVA C 4 -2.73 4.01 -5.86
N BMT C 5 -1.98 4.96 -7.73
CN BMT C 5 -2.37 4.08 -8.83
CA BMT C 5 -0.77 5.80 -7.85
C BMT C 5 -1.03 6.91 -8.88
O BMT C 5 -1.78 7.84 -8.63
CB BMT C 5 0.66 5.22 -7.81
OG1 BMT C 5 0.93 4.53 -9.03
CG2 BMT C 5 1.12 4.39 -6.60
CD1 BMT C 5 2.65 4.23 -6.62
CD2 BMT C 5 0.45 3.03 -6.37
CE BMT C 5 1.04 1.91 -7.17
CZ BMT C 5 0.39 0.92 -7.73
CH BMT C 5 -1.08 0.71 -7.71
N ABA C 6 -0.31 6.84 -10.01
CA ABA C 6 -0.88 6.46 -11.30
C ABA C 6 0.21 5.73 -12.09
O ABA C 6 0.29 4.53 -11.89
CB ABA C 6 -1.41 7.69 -12.05
CG ABA C 6 -2.87 7.98 -11.75
N SAR C 7 1.07 6.32 -12.95
CA SAR C 7 1.00 5.97 -14.35
C SAR C 7 0.14 6.89 -15.21
O SAR C 7 0.07 8.09 -14.97
CN SAR C 7 2.19 7.16 -12.54
N MLE C 8 -0.51 6.35 -16.27
CN MLE C 8 -0.09 6.73 -17.61
CA MLE C 8 -1.63 5.40 -16.15
CB MLE C 8 -2.85 5.82 -16.96
CG MLE C 8 -3.83 6.77 -16.28
CD1 MLE C 8 -4.16 6.34 -14.87
CD2 MLE C 8 -3.37 8.22 -16.31
C MLE C 8 -1.19 3.99 -16.53
O MLE C 8 -1.31 3.60 -17.69
N VAL C 9 -0.69 3.22 -15.55
CA VAL C 9 -0.23 1.87 -15.85
C VAL C 9 -0.92 0.77 -15.03
N MLE C 10 -2.23 0.89 -14.72
CN MLE C 10 -3.07 0.85 -15.92
CA MLE C 10 -2.95 0.96 -13.43
CB MLE C 10 -2.54 -0.05 -12.35
CG MLE C 10 -1.25 0.09 -11.52
CD1 MLE C 10 -0.41 1.34 -11.60
CD2 MLE C 10 -0.38 -1.14 -11.59
C MLE C 10 -3.45 2.33 -12.94
O MLE C 10 -3.31 3.33 -13.64
N ALA C 11 -4.01 2.35 -11.73
CA ALA C 11 -5.44 2.19 -11.51
C ALA C 11 -6.08 3.43 -10.87
#